data_8WRD
#
_entry.id   8WRD
#
_cell.length_a   1.00
_cell.length_b   1.00
_cell.length_c   1.00
_cell.angle_alpha   90.00
_cell.angle_beta   90.00
_cell.angle_gamma   90.00
#
_symmetry.space_group_name_H-M   'P 1'
#
loop_
_entity.id
_entity.type
_entity.pdbx_description
1 polymer 'Synaptic vesicular amine transporter'
2 polymer FabL
3 polymer FabH
#
loop_
_entity_poly.entity_id
_entity_poly.type
_entity_poly.pdbx_seq_one_letter_code
_entity_poly.pdbx_strand_id
1 'polypeptide(L)'
;MALSELALVRWLQESRRSRKLILFIVFLALLLDNMLLTVVVPIIPSYLYSIKHEKNATEIQTARPVHTASISDSFQSIFS
YYDNSTMVTGNATRDLTLHQTATQHMVTNASAVPSDCPSEDKDLLNENVQVGLLFASKATVQLITNPFIGLLTNRIGYPI
PIFAGFCIMFVSTIMFAFSSSYAFLLIARSLQGIGSSCSSVAGMGMLASVYTDDEERGNVMGIALGGLAMGVLVGPPFGS
VLYEFVGKTAPFLVLAALVLLDGAIQLFVLQPSRVQPESQKGTPLTTLLKDPYILIAAGSICFANMGIAMLEPALPIWMM
ETMCSRKWQLGVAFLPASISYLIGTNIFGILAHKMGRWLCALLGMIIVGVSILCIPFAKNIYGLIAPNFGVGFAIGMVDS
SMMPIMGYLVDLRHVSVYGSVYAIADVAFCMGYAIGPSAGGAIAKAIGFPWLMTIIGIIDILFAPLCFFLRSPPAKEEKM
AILMDHNCPIKTKMYTQNNIQSYPIGEDEESESD
;
A
2 'polypeptide(L)'
;AQAAELDIVMTQSQKFMSTSVGDRVSITCKASQNVGTDVSWYQQKPGKSPKPLIYWASNRFTGVPDRFTGSRSGTDFTLT
ISNVQSEDLADYFCEQYSSYPLTFGAGTKLELKRADAAPTVSIFPPSSEQLTSGGASVVCFLNNFYPKDINVKWKIDGSE
RQNGVLNSWTDQDSKDSTYSMSSTLTLTKDEYERHNSYTCEATHKTSTSPIVKSFNRNEC
;
L
3 'polypeptide(L)'
;GGSSRSSLEVKLQESGAELVKPGASVKLSCKASGYTFTSYWIDWVKQRPGQGLEWIGNIYPGNSSTNYNEKFKNKATLTV
DTSSSTAYMQLSSLTSDDSAVYYCAREDYYDGTYVYYAMDFWGQGTSVTVSSAKTTAPSVYPLAPVCGDTSGSSVTLGCL
VKGYFPEPVTLTWNSGSLSSGVHTFPAVLQSDLYTLSSSVTVTSSTWPSQSITCNVAHPASSTKVDKKIEPRGPTIKPCP
PCKCPAPNLLGGPSVFIFPPKIKDVLMISLSPIVTCVVVDVSEDDPDVQISWFVNNVEVHTAQTQTHREDYNSTLRVVSA
LPIQHQDWMSGKEFKC
;
H
#
# COMPACT_ATOMS: atom_id res chain seq x y z
N ALA A 7 23.84 7.83 -10.91
CA ALA A 7 23.39 8.73 -11.95
C ALA A 7 21.88 8.89 -11.92
N LEU A 8 21.33 9.54 -12.95
CA LEU A 8 19.89 9.72 -13.07
C LEU A 8 19.23 8.69 -13.96
N VAL A 9 19.95 8.14 -14.93
CA VAL A 9 19.39 7.09 -15.78
C VAL A 9 19.17 5.83 -14.97
N ARG A 10 20.18 5.42 -14.20
CA ARG A 10 20.07 4.18 -13.43
C ARG A 10 19.06 4.33 -12.29
N TRP A 11 19.00 5.51 -11.66
CA TRP A 11 18.08 5.71 -10.55
C TRP A 11 16.63 5.55 -10.99
N LEU A 12 16.27 6.15 -12.13
CA LEU A 12 14.91 6.03 -12.63
C LEU A 12 14.65 4.68 -13.29
N GLN A 13 15.66 4.08 -13.91
CA GLN A 13 15.49 2.80 -14.59
C GLN A 13 15.18 1.69 -13.59
N GLU A 14 15.86 1.67 -12.45
CA GLU A 14 15.72 0.61 -11.46
C GLU A 14 15.11 1.20 -10.19
N SER A 15 13.78 1.26 -10.14
CA SER A 15 13.06 1.75 -8.97
C SER A 15 11.58 1.47 -9.14
N ARG A 16 10.89 1.29 -8.01
CA ARG A 16 9.43 1.21 -8.01
C ARG A 16 8.88 2.63 -8.14
N ARG A 17 8.18 2.89 -9.25
CA ARG A 17 7.64 4.22 -9.47
C ARG A 17 6.54 4.50 -8.47
N SER A 18 6.58 5.68 -7.86
CA SER A 18 5.69 6.08 -6.79
C SER A 18 4.70 7.13 -7.29
N ARG A 19 3.75 7.48 -6.42
CA ARG A 19 2.81 8.54 -6.72
C ARG A 19 3.44 9.92 -6.67
N LYS A 20 4.65 10.03 -6.12
CA LYS A 20 5.36 11.31 -6.14
C LYS A 20 5.66 11.74 -7.57
N LEU A 21 5.79 10.79 -8.49
CA LEU A 21 5.93 11.14 -9.90
C LEU A 21 4.66 11.80 -10.43
N ILE A 22 3.49 11.31 -10.02
CA ILE A 22 2.24 11.94 -10.40
C ILE A 22 2.16 13.34 -9.82
N LEU A 23 2.55 13.50 -8.55
CA LEU A 23 2.55 14.82 -7.94
C LEU A 23 3.49 15.77 -8.68
N PHE A 24 4.67 15.29 -9.06
CA PHE A 24 5.61 16.11 -9.82
C PHE A 24 5.03 16.50 -11.18
N ILE A 25 4.32 15.58 -11.83
CA ILE A 25 3.71 15.88 -13.12
C ILE A 25 2.69 17.01 -12.96
N VAL A 26 1.83 16.89 -11.95
CA VAL A 26 0.81 17.92 -11.74
C VAL A 26 1.45 19.26 -11.42
N PHE A 27 2.47 19.26 -10.55
CA PHE A 27 3.15 20.50 -10.20
C PHE A 27 3.79 21.15 -11.42
N LEU A 28 4.46 20.36 -12.26
CA LEU A 28 5.11 20.89 -13.45
C LEU A 28 4.09 21.46 -14.43
N ALA A 29 2.96 20.76 -14.61
CA ALA A 29 1.93 21.25 -15.51
C ALA A 29 1.38 22.59 -15.05
N LEU A 30 1.06 22.70 -13.76
CA LEU A 30 0.54 23.96 -13.23
C LEU A 30 1.58 25.07 -13.36
N LEU A 31 2.83 24.76 -13.05
CA LEU A 31 3.92 25.74 -13.14
C LEU A 31 4.04 26.29 -14.56
N LEU A 32 4.10 25.40 -15.54
CA LEU A 32 4.26 25.84 -16.92
C LEU A 32 3.05 26.62 -17.41
N ASP A 33 1.85 26.17 -17.03
CA ASP A 33 0.64 26.88 -17.45
C ASP A 33 0.63 28.31 -16.90
N ASN A 34 0.97 28.48 -15.62
CA ASN A 34 0.96 29.82 -15.05
C ASN A 34 2.10 30.68 -15.57
N MET A 35 3.26 30.08 -15.86
CA MET A 35 4.33 30.84 -16.47
C MET A 35 3.94 31.35 -17.85
N LEU A 36 3.27 30.50 -18.64
CA LEU A 36 2.78 30.95 -19.94
C LEU A 36 1.74 32.06 -19.77
N LEU A 37 0.87 31.94 -18.77
CA LEU A 37 -0.09 32.99 -18.48
C LEU A 37 0.60 34.32 -18.21
N THR A 38 1.59 34.32 -17.32
CA THR A 38 2.17 35.59 -16.87
C THR A 38 3.21 36.15 -17.83
N VAL A 39 3.74 35.35 -18.75
CA VAL A 39 4.75 35.88 -19.68
C VAL A 39 4.13 36.87 -20.66
N VAL A 40 2.92 36.58 -21.13
CA VAL A 40 2.35 37.34 -22.24
C VAL A 40 1.88 38.72 -21.80
N VAL A 41 1.52 38.90 -20.53
CA VAL A 41 0.94 40.16 -20.08
C VAL A 41 1.87 41.35 -20.35
N PRO A 42 3.16 41.30 -20.03
CA PRO A 42 4.04 42.42 -20.41
C PRO A 42 4.17 42.63 -21.91
N ILE A 43 3.82 41.64 -22.73
CA ILE A 43 4.01 41.74 -24.17
C ILE A 43 2.73 42.04 -24.94
N ILE A 44 1.56 41.89 -24.32
CA ILE A 44 0.30 42.10 -25.04
C ILE A 44 0.19 43.51 -25.61
N PRO A 45 0.48 44.59 -24.85
CA PRO A 45 0.44 45.92 -25.47
C PRO A 45 1.61 46.14 -26.43
N SER A 46 1.32 46.09 -27.72
CA SER A 46 2.35 46.27 -28.75
C SER A 46 1.71 46.51 -30.11
N LEU A 125 -13.94 49.29 -30.05
CA LEU A 125 -13.26 48.27 -30.85
C LEU A 125 -11.84 48.70 -31.17
N ASN A 126 -11.27 49.56 -30.34
CA ASN A 126 -9.91 50.07 -30.53
C ASN A 126 -9.27 50.19 -29.16
N GLU A 127 -8.46 49.20 -28.78
CA GLU A 127 -7.74 49.13 -27.52
C GLU A 127 -8.66 49.17 -26.31
N ASN A 128 -9.97 49.06 -26.51
CA ASN A 128 -10.94 49.00 -25.42
C ASN A 128 -11.61 47.64 -25.31
N VAL A 129 -12.18 47.15 -26.41
CA VAL A 129 -12.74 45.81 -26.44
C VAL A 129 -11.64 44.78 -26.69
N GLN A 130 -10.65 45.14 -27.51
CA GLN A 130 -9.63 44.17 -27.92
C GLN A 130 -8.76 43.74 -26.74
N VAL A 131 -8.26 44.72 -25.96
CA VAL A 131 -7.38 44.39 -24.85
C VAL A 131 -8.13 43.64 -23.76
N GLY A 132 -9.35 44.07 -23.44
CA GLY A 132 -10.14 43.36 -22.45
C GLY A 132 -10.47 41.94 -22.87
N LEU A 133 -10.82 41.76 -24.15
CA LEU A 133 -11.06 40.41 -24.66
C LEU A 133 -9.80 39.56 -24.57
N LEU A 134 -8.65 40.13 -24.91
CA LEU A 134 -7.40 39.37 -24.85
C LEU A 134 -7.09 38.95 -23.42
N PHE A 135 -7.34 39.84 -22.46
CA PHE A 135 -7.05 39.49 -21.07
C PHE A 135 -8.02 38.44 -20.54
N ALA A 136 -9.31 38.54 -20.89
CA ALA A 136 -10.30 37.66 -20.32
C ALA A 136 -10.52 36.37 -21.09
N SER A 137 -9.90 36.22 -22.26
CA SER A 137 -10.19 35.08 -23.13
C SER A 137 -9.85 33.75 -22.47
N LYS A 138 -8.63 33.61 -21.95
CA LYS A 138 -8.22 32.32 -21.41
C LYS A 138 -9.05 31.93 -20.20
N ALA A 139 -9.28 32.87 -19.28
CA ALA A 139 -10.07 32.55 -18.10
C ALA A 139 -11.50 32.22 -18.45
N THR A 140 -12.10 32.96 -19.39
CA THR A 140 -13.47 32.67 -19.79
C THR A 140 -13.58 31.28 -20.42
N VAL A 141 -12.65 30.94 -21.31
CA VAL A 141 -12.72 29.66 -21.98
C VAL A 141 -12.45 28.52 -21.01
N GLN A 142 -11.54 28.71 -20.07
CA GLN A 142 -11.30 27.69 -19.05
C GLN A 142 -12.54 27.47 -18.19
N LEU A 143 -13.20 28.57 -17.79
CA LEU A 143 -14.41 28.46 -16.98
C LEU A 143 -15.51 27.74 -17.74
N ILE A 144 -15.63 27.99 -19.03
CA ILE A 144 -16.65 27.30 -19.83
C ILE A 144 -16.29 25.83 -19.99
N THR A 145 -15.00 25.52 -20.17
CA THR A 145 -14.57 24.17 -20.51
C THR A 145 -14.59 23.23 -19.30
N ASN A 146 -14.41 23.76 -18.09
CA ASN A 146 -14.22 22.90 -16.91
C ASN A 146 -15.26 21.81 -16.73
N PRO A 147 -16.58 22.06 -16.80
CA PRO A 147 -17.54 20.96 -16.55
C PRO A 147 -17.43 19.83 -17.55
N PHE A 148 -17.17 20.15 -18.83
CA PHE A 148 -17.04 19.10 -19.84
C PHE A 148 -15.87 18.19 -19.53
N ILE A 149 -14.73 18.76 -19.13
CA ILE A 149 -13.58 17.95 -18.75
C ILE A 149 -13.91 17.13 -17.50
N GLY A 150 -14.67 17.72 -16.57
CA GLY A 150 -15.04 16.97 -15.38
C GLY A 150 -15.85 15.73 -15.70
N LEU A 151 -16.80 15.83 -16.63
CA LEU A 151 -17.57 14.65 -17.02
C LEU A 151 -16.73 13.68 -17.84
N LEU A 152 -15.92 14.20 -18.77
CA LEU A 152 -15.08 13.34 -19.60
C LEU A 152 -14.08 12.55 -18.79
N THR A 153 -13.61 13.11 -17.67
CA THR A 153 -12.69 12.40 -16.80
C THR A 153 -13.31 11.12 -16.27
N ASN A 154 -14.57 11.19 -15.81
CA ASN A 154 -15.27 9.97 -15.42
C ASN A 154 -15.51 9.05 -16.61
N ARG A 155 -15.82 9.64 -17.77
CA ARG A 155 -16.15 8.82 -18.93
C ARG A 155 -14.98 7.97 -19.40
N ILE A 156 -13.78 8.54 -19.44
CA ILE A 156 -12.64 7.84 -20.04
C ILE A 156 -11.42 7.73 -19.14
N GLY A 157 -11.24 8.58 -18.14
CA GLY A 157 -10.06 8.53 -17.29
C GLY A 157 -9.28 9.84 -17.30
N TYR A 158 -8.28 9.88 -16.43
CA TYR A 158 -7.42 11.05 -16.22
C TYR A 158 -6.24 11.18 -17.19
N PRO A 159 -5.49 10.11 -17.48
CA PRO A 159 -4.26 10.29 -18.30
C PRO A 159 -4.51 10.88 -19.68
N ILE A 160 -5.59 10.53 -20.35
CA ILE A 160 -5.87 11.07 -21.68
C ILE A 160 -6.11 12.57 -21.60
N PRO A 161 -6.94 13.08 -20.68
CA PRO A 161 -7.01 14.55 -20.52
C PRO A 161 -5.70 15.19 -20.15
N ILE A 162 -4.86 14.55 -19.33
CA ILE A 162 -3.58 15.15 -18.96
C ILE A 162 -2.70 15.31 -20.20
N PHE A 163 -2.60 14.25 -21.01
CA PHE A 163 -1.79 14.32 -22.21
C PHE A 163 -2.37 15.31 -23.22
N ALA A 164 -3.69 15.38 -23.32
CA ALA A 164 -4.30 16.36 -24.20
C ALA A 164 -3.98 17.78 -23.75
N GLY A 165 -3.97 18.01 -22.43
CA GLY A 165 -3.57 19.31 -21.93
C GLY A 165 -2.15 19.66 -22.30
N PHE A 166 -1.23 18.70 -22.17
CA PHE A 166 0.15 18.94 -22.57
C PHE A 166 0.23 19.31 -24.05
N CYS A 167 -0.44 18.53 -24.91
CA CYS A 167 -0.37 18.77 -26.34
C CYS A 167 -0.93 20.13 -26.71
N ILE A 168 -2.06 20.50 -26.12
CA ILE A 168 -2.70 21.78 -26.45
C ILE A 168 -1.85 22.94 -25.94
N MET A 169 -1.22 22.78 -24.77
CA MET A 169 -0.33 23.82 -24.28
C MET A 169 0.88 24.01 -25.19
N PHE A 170 1.45 22.91 -25.68
CA PHE A 170 2.59 23.04 -26.60
C PHE A 170 2.18 23.73 -27.89
N VAL A 171 1.02 23.36 -28.44
CA VAL A 171 0.57 23.99 -29.68
C VAL A 171 0.30 25.48 -29.45
N SER A 172 -0.29 25.83 -28.30
CA SER A 172 -0.53 27.22 -27.99
C SER A 172 0.76 28.02 -27.87
N THR A 173 1.77 27.43 -27.22
CA THR A 173 3.06 28.12 -27.10
C THR A 173 3.70 28.34 -28.47
N ILE A 174 3.67 27.32 -29.33
CA ILE A 174 4.26 27.46 -30.66
C ILE A 174 3.50 28.49 -31.47
N MET A 175 2.17 28.55 -31.32
CA MET A 175 1.38 29.56 -32.04
C MET A 175 1.69 30.96 -31.52
N PHE A 176 1.90 31.12 -30.22
CA PHE A 176 2.30 32.41 -29.67
C PHE A 176 3.65 32.83 -30.21
N ALA A 177 4.57 31.88 -30.35
CA ALA A 177 5.95 32.20 -30.72
C ALA A 177 6.08 32.82 -32.10
N PHE A 178 5.06 32.73 -32.96
CA PHE A 178 5.19 33.20 -34.33
C PHE A 178 4.06 34.11 -34.81
N SER A 179 2.86 34.00 -34.24
CA SER A 179 1.73 34.78 -34.72
C SER A 179 1.87 36.25 -34.35
N SER A 180 1.47 37.13 -35.26
CA SER A 180 1.57 38.57 -35.08
C SER A 180 0.22 39.28 -35.08
N SER A 181 -0.75 38.81 -35.85
CA SER A 181 -2.05 39.46 -35.90
C SER A 181 -2.83 39.21 -34.63
N TYR A 182 -3.92 39.97 -34.47
CA TYR A 182 -4.70 39.90 -33.24
C TYR A 182 -5.54 38.63 -33.17
N ALA A 183 -6.12 38.21 -34.31
CA ALA A 183 -7.00 37.06 -34.30
C ALA A 183 -6.27 35.80 -33.85
N PHE A 184 -5.07 35.58 -34.36
CA PHE A 184 -4.29 34.43 -33.93
C PHE A 184 -3.80 34.59 -32.50
N LEU A 185 -3.50 35.82 -32.09
CA LEU A 185 -3.10 36.08 -30.71
C LEU A 185 -4.23 35.80 -29.73
N LEU A 186 -5.48 35.82 -30.20
CA LEU A 186 -6.63 35.47 -29.37
C LEU A 186 -6.95 33.97 -29.43
N ILE A 187 -6.79 33.37 -30.61
CA ILE A 187 -6.98 31.93 -30.74
C ILE A 187 -5.98 31.19 -29.86
N ALA A 188 -4.73 31.65 -29.83
CA ALA A 188 -3.73 31.00 -29.01
C ALA A 188 -4.09 31.05 -27.53
N ARG A 189 -4.59 32.20 -27.07
CA ARG A 189 -4.98 32.31 -25.66
C ARG A 189 -6.18 31.43 -25.33
N SER A 190 -7.15 31.34 -26.24
CA SER A 190 -8.28 30.44 -26.00
C SER A 190 -7.82 28.98 -25.93
N LEU A 191 -6.92 28.58 -26.82
CA LEU A 191 -6.40 27.22 -26.78
C LEU A 191 -5.63 26.96 -25.50
N GLN A 192 -4.87 27.95 -25.04
CA GLN A 192 -4.18 27.81 -23.76
C GLN A 192 -5.18 27.63 -22.63
N GLY A 193 -6.32 28.32 -22.70
CA GLY A 193 -7.34 28.13 -21.69
C GLY A 193 -7.90 26.71 -21.67
N ILE A 194 -8.18 26.16 -22.86
CA ILE A 194 -8.69 24.79 -22.94
C ILE A 194 -7.68 23.81 -22.36
N GLY A 195 -6.41 23.95 -22.76
CA GLY A 195 -5.38 23.05 -22.26
C GLY A 195 -5.18 23.17 -20.77
N SER A 196 -5.24 24.39 -20.23
CA SER A 196 -5.09 24.60 -18.81
C SER A 196 -6.25 23.97 -18.05
N SER A 197 -7.47 24.08 -18.58
CA SER A 197 -8.61 23.44 -17.92
C SER A 197 -8.41 21.93 -17.86
N CYS A 198 -8.05 21.32 -18.98
CA CYS A 198 -7.79 19.88 -18.99
C CYS A 198 -6.76 19.50 -17.94
N SER A 199 -5.60 20.17 -17.97
CA SER A 199 -4.51 19.81 -17.07
C SER A 199 -4.91 19.98 -15.61
N SER A 200 -5.51 21.12 -15.27
CA SER A 200 -5.83 21.40 -13.88
C SER A 200 -6.87 20.43 -13.34
N VAL A 201 -7.99 20.27 -14.06
CA VAL A 201 -9.06 19.41 -13.56
C VAL A 201 -8.59 17.97 -13.46
N ALA A 202 -7.94 17.46 -14.51
CA ALA A 202 -7.50 16.07 -14.49
C ALA A 202 -6.44 15.83 -13.42
N GLY A 203 -5.50 16.76 -13.26
CA GLY A 203 -4.46 16.58 -12.26
C GLY A 203 -5.00 16.60 -10.85
N MET A 204 -5.88 17.55 -10.54
CA MET A 204 -6.47 17.59 -9.21
C MET A 204 -7.30 16.33 -8.94
N GLY A 205 -8.07 15.89 -9.93
CA GLY A 205 -8.86 14.68 -9.75
C GLY A 205 -7.99 13.46 -9.50
N MET A 206 -6.92 13.30 -10.27
CA MET A 206 -6.05 12.15 -10.08
C MET A 206 -5.32 12.21 -8.75
N LEU A 207 -4.88 13.40 -8.34
CA LEU A 207 -4.24 13.54 -7.04
C LEU A 207 -5.19 13.15 -5.92
N ALA A 208 -6.46 13.55 -6.03
CA ALA A 208 -7.45 13.15 -5.04
C ALA A 208 -7.70 11.64 -5.08
N SER A 209 -7.69 11.06 -6.28
CA SER A 209 -8.05 9.65 -6.41
C SER A 209 -6.97 8.73 -5.89
N VAL A 210 -5.70 9.06 -6.13
CA VAL A 210 -4.62 8.18 -5.67
C VAL A 210 -4.21 8.44 -4.23
N TYR A 211 -4.47 9.63 -3.69
CA TYR A 211 -4.16 9.97 -2.30
C TYR A 211 -5.48 10.11 -1.54
N THR A 212 -5.99 8.99 -1.05
CA THR A 212 -7.27 8.98 -0.36
C THR A 212 -7.15 9.21 1.14
N ASP A 213 -5.94 9.34 1.66
CA ASP A 213 -5.75 9.68 3.06
C ASP A 213 -5.89 11.18 3.25
N ASP A 214 -6.63 11.58 4.29
CA ASP A 214 -6.91 13.00 4.51
C ASP A 214 -5.63 13.80 4.67
N GLU A 215 -4.75 13.34 5.57
CA GLU A 215 -3.49 14.06 5.82
C GLU A 215 -2.63 14.10 4.57
N GLU A 216 -2.48 12.95 3.90
CA GLU A 216 -1.65 12.89 2.70
C GLU A 216 -2.26 13.69 1.57
N ARG A 217 -3.58 13.63 1.42
CA ARG A 217 -4.24 14.44 0.39
C ARG A 217 -4.00 15.93 0.62
N GLY A 218 -4.14 16.36 1.87
CA GLY A 218 -3.86 17.76 2.18
C GLY A 218 -2.44 18.14 1.86
N ASN A 219 -1.48 17.29 2.24
CA ASN A 219 -0.07 17.61 1.99
C ASN A 219 0.21 17.70 0.49
N VAL A 220 -0.29 16.73 -0.29
CA VAL A 220 0.05 16.70 -1.71
C VAL A 220 -0.62 17.85 -2.45
N MET A 221 -1.86 18.21 -2.08
CA MET A 221 -2.47 19.35 -2.74
C MET A 221 -1.84 20.67 -2.31
N GLY A 222 -1.36 20.76 -1.06
CA GLY A 222 -0.60 21.93 -0.68
C GLY A 222 0.69 22.08 -1.48
N ILE A 223 1.37 20.95 -1.73
CA ILE A 223 2.58 20.99 -2.54
C ILE A 223 2.27 21.35 -3.98
N ALA A 224 1.19 20.78 -4.54
CA ALA A 224 0.86 21.01 -5.94
C ALA A 224 0.35 22.43 -6.18
N LEU A 225 -0.37 23.01 -5.23
CA LEU A 225 -0.86 24.37 -5.39
C LEU A 225 0.25 25.39 -5.41
N GLY A 226 1.42 25.06 -4.87
CA GLY A 226 2.57 25.94 -4.97
C GLY A 226 3.10 26.11 -6.38
N GLY A 227 2.69 25.23 -7.30
CA GLY A 227 3.09 25.41 -8.69
C GLY A 227 2.55 26.69 -9.29
N LEU A 228 1.29 27.01 -9.02
CA LEU A 228 0.73 28.27 -9.51
C LEU A 228 1.47 29.47 -8.94
N ALA A 229 1.78 29.42 -7.63
CA ALA A 229 2.46 30.53 -7.00
C ALA A 229 3.85 30.73 -7.58
N MET A 230 4.59 29.64 -7.77
CA MET A 230 5.93 29.76 -8.34
C MET A 230 5.86 30.22 -9.79
N GLY A 231 4.85 29.75 -10.53
CA GLY A 231 4.71 30.20 -11.91
C GLY A 231 4.45 31.68 -12.01
N VAL A 232 3.53 32.20 -11.20
CA VAL A 232 3.24 33.63 -11.25
C VAL A 232 4.39 34.45 -10.66
N LEU A 233 5.21 33.86 -9.80
CA LEU A 233 6.37 34.57 -9.29
C LEU A 233 7.50 34.66 -10.32
N VAL A 234 7.73 33.59 -11.08
CA VAL A 234 8.87 33.53 -12.00
C VAL A 234 8.50 33.90 -13.43
N GLY A 235 7.21 34.11 -13.73
CA GLY A 235 6.81 34.47 -15.07
C GLY A 235 7.43 35.75 -15.60
N PRO A 236 7.05 36.89 -15.02
CA PRO A 236 7.48 38.19 -15.56
C PRO A 236 8.99 38.35 -15.63
N PRO A 237 9.75 37.95 -14.60
CA PRO A 237 11.22 38.04 -14.76
C PRO A 237 11.76 37.19 -15.90
N PHE A 238 11.21 35.98 -16.06
CA PHE A 238 11.63 35.10 -17.15
C PHE A 238 11.33 35.72 -18.50
N GLY A 239 10.16 36.35 -18.63
CA GLY A 239 9.83 37.02 -19.87
C GLY A 239 10.71 38.22 -20.14
N SER A 240 11.01 39.01 -19.10
CA SER A 240 11.75 40.25 -19.28
C SER A 240 13.24 40.04 -19.51
N VAL A 241 13.83 38.98 -18.96
CA VAL A 241 15.24 38.75 -19.17
C VAL A 241 15.51 38.41 -20.63
N LEU A 242 14.60 37.69 -21.28
CA LEU A 242 14.79 37.25 -22.65
C LEU A 242 14.13 38.14 -23.69
N TYR A 243 13.20 39.01 -23.28
CA TYR A 243 12.57 39.91 -24.24
C TYR A 243 13.50 40.99 -24.74
N GLU A 244 14.66 41.18 -24.11
CA GLU A 244 15.63 42.16 -24.56
C GLU A 244 17.00 41.56 -24.86
N PHE A 245 17.39 40.49 -24.16
CA PHE A 245 18.72 39.91 -24.38
C PHE A 245 18.77 39.13 -25.69
N VAL A 246 17.73 38.37 -26.00
CA VAL A 246 17.70 37.48 -27.17
C VAL A 246 16.77 38.02 -28.25
N GLY A 247 15.49 38.16 -27.95
CA GLY A 247 14.56 38.65 -28.94
C GLY A 247 13.13 38.60 -28.43
N LYS A 248 12.20 38.85 -29.36
CA LYS A 248 10.79 38.89 -28.98
C LYS A 248 10.24 37.50 -28.69
N THR A 249 10.55 36.53 -29.54
CA THR A 249 9.99 35.19 -29.44
C THR A 249 10.83 34.24 -28.60
N ALA A 250 11.93 34.73 -28.02
CA ALA A 250 12.77 33.88 -27.18
C ALA A 250 12.02 33.29 -25.98
N PRO A 251 11.20 34.03 -25.23
CA PRO A 251 10.51 33.39 -24.10
C PRO A 251 9.66 32.20 -24.51
N PHE A 252 8.97 32.28 -25.64
CA PHE A 252 8.13 31.18 -26.09
C PHE A 252 8.95 30.04 -26.67
N LEU A 253 9.99 30.36 -27.45
CA LEU A 253 10.86 29.31 -27.97
C LEU A 253 11.65 28.63 -26.86
N VAL A 254 11.74 29.23 -25.69
CA VAL A 254 12.37 28.56 -24.54
C VAL A 254 11.33 27.78 -23.74
N LEU A 255 10.13 28.32 -23.58
CA LEU A 255 9.08 27.61 -22.85
C LEU A 255 8.63 26.35 -23.59
N ALA A 256 8.76 26.34 -24.92
CA ALA A 256 8.36 25.17 -25.68
C ALA A 256 9.20 23.95 -25.30
N ALA A 257 10.50 24.13 -25.09
CA ALA A 257 11.35 23.03 -24.67
C ALA A 257 10.94 22.50 -23.31
N LEU A 258 10.59 23.40 -22.39
CA LEU A 258 10.12 22.96 -21.07
C LEU A 258 8.83 22.16 -21.18
N VAL A 259 7.91 22.60 -22.03
CA VAL A 259 6.67 21.86 -22.24
C VAL A 259 6.96 20.49 -22.83
N LEU A 260 7.91 20.41 -23.76
CA LEU A 260 8.29 19.12 -24.34
C LEU A 260 8.88 18.19 -23.29
N LEU A 261 9.72 18.72 -22.40
CA LEU A 261 10.27 17.90 -21.33
C LEU A 261 9.17 17.39 -20.39
N ASP A 262 8.20 18.25 -20.09
CA ASP A 262 7.06 17.81 -19.27
C ASP A 262 6.30 16.69 -19.96
N GLY A 263 6.10 16.82 -21.27
CA GLY A 263 5.43 15.76 -22.01
C GLY A 263 6.20 14.45 -22.00
N ALA A 264 7.53 14.54 -22.11
CA ALA A 264 8.36 13.34 -22.02
C ALA A 264 8.23 12.66 -20.67
N ILE A 265 8.22 13.45 -19.60
CA ILE A 265 8.04 12.87 -18.26
C ILE A 265 6.68 12.20 -18.15
N GLN A 266 5.63 12.85 -18.67
CA GLN A 266 4.30 12.26 -18.63
C GLN A 266 4.27 10.95 -19.40
N LEU A 267 4.94 10.89 -20.55
CA LEU A 267 5.02 9.64 -21.29
C LEU A 267 5.74 8.56 -20.50
N PHE A 268 6.75 8.95 -19.72
CA PHE A 268 7.45 7.98 -18.90
C PHE A 268 6.57 7.46 -17.76
N VAL A 269 5.63 8.27 -17.27
CA VAL A 269 4.83 7.89 -16.10
C VAL A 269 3.51 7.24 -16.50
N LEU A 270 2.74 7.86 -17.39
CA LEU A 270 1.36 7.45 -17.65
C LEU A 270 1.26 6.58 -18.90
N GLN A 271 0.04 6.14 -19.19
CA GLN A 271 -0.31 5.43 -20.42
C GLN A 271 -1.46 6.18 -21.08
N PRO A 272 -1.17 7.17 -21.91
CA PRO A 272 -2.23 8.02 -22.44
C PRO A 272 -2.95 7.43 -23.65
N SER A 273 -2.80 6.12 -23.89
CA SER A 273 -3.34 5.50 -25.09
C SER A 273 -4.48 4.52 -24.80
N ARG A 274 -4.93 4.42 -23.55
CA ARG A 274 -5.96 3.46 -23.18
C ARG A 274 -7.08 4.16 -22.43
N VAL A 275 -8.32 3.92 -22.84
CA VAL A 275 -9.48 4.48 -22.16
C VAL A 275 -9.83 3.59 -20.98
N GLN A 276 -9.90 4.20 -19.80
CA GLN A 276 -10.15 3.48 -18.54
C GLN A 276 -11.34 4.10 -17.85
N PRO A 277 -12.56 3.74 -18.26
CA PRO A 277 -13.75 4.28 -17.60
C PRO A 277 -13.77 3.91 -16.13
N GLU A 278 -14.21 4.85 -15.30
CA GLU A 278 -14.23 4.63 -13.86
C GLU A 278 -15.27 3.58 -13.50
N SER A 279 -15.00 2.86 -12.40
CA SER A 279 -15.82 1.72 -12.03
C SER A 279 -17.25 2.13 -11.70
N GLN A 280 -17.40 3.20 -10.91
CA GLN A 280 -18.71 3.64 -10.45
C GLN A 280 -19.02 5.02 -11.02
N LYS A 281 -20.29 5.23 -11.36
CA LYS A 281 -20.71 6.52 -11.88
C LYS A 281 -20.79 7.54 -10.76
N GLY A 282 -20.22 8.72 -10.98
CA GLY A 282 -20.26 9.77 -9.98
C GLY A 282 -21.63 10.43 -9.91
N THR A 283 -21.81 11.23 -8.87
CA THR A 283 -23.06 11.96 -8.71
C THR A 283 -23.17 13.06 -9.76
N PRO A 284 -24.39 13.36 -10.20
CA PRO A 284 -24.57 14.42 -11.20
C PRO A 284 -24.09 15.76 -10.67
N LEU A 285 -23.73 16.64 -11.61
CA LEU A 285 -23.23 17.95 -11.24
C LEU A 285 -24.28 18.76 -10.48
N THR A 286 -25.54 18.67 -10.89
CA THR A 286 -26.60 19.40 -10.22
C THR A 286 -26.75 18.96 -8.78
N THR A 287 -26.63 17.65 -8.52
CA THR A 287 -26.71 17.15 -7.15
C THR A 287 -25.59 17.71 -6.29
N LEU A 288 -24.38 17.79 -6.83
CA LEU A 288 -23.27 18.39 -6.08
C LEU A 288 -23.49 19.89 -5.86
N LEU A 289 -24.06 20.58 -6.84
CA LEU A 289 -24.28 22.02 -6.75
C LEU A 289 -25.43 22.39 -5.84
N LYS A 290 -26.20 21.42 -5.36
CA LYS A 290 -27.25 21.67 -4.38
C LYS A 290 -26.78 21.36 -2.95
N ASP A 291 -25.50 21.05 -2.78
CA ASP A 291 -24.96 20.75 -1.47
C ASP A 291 -24.59 22.04 -0.75
N PRO A 292 -25.20 22.36 0.40
CA PRO A 292 -24.81 23.58 1.11
C PRO A 292 -23.37 23.58 1.57
N TYR A 293 -22.81 22.42 1.91
CA TYR A 293 -21.44 22.37 2.42
C TYR A 293 -20.39 22.42 1.33
N ILE A 294 -20.77 22.23 0.08
CA ILE A 294 -19.83 22.38 -1.03
C ILE A 294 -19.86 23.81 -1.58
N LEU A 295 -21.03 24.44 -1.58
CA LEU A 295 -21.13 25.82 -2.03
C LEU A 295 -20.33 26.76 -1.14
N ILE A 296 -20.31 26.50 0.17
CA ILE A 296 -19.51 27.32 1.07
C ILE A 296 -18.02 27.17 0.78
N ALA A 297 -17.57 25.93 0.55
CA ALA A 297 -16.16 25.71 0.25
C ALA A 297 -15.77 26.36 -1.07
N ALA A 298 -16.66 26.31 -2.06
CA ALA A 298 -16.35 26.95 -3.35
C ALA A 298 -16.37 28.47 -3.22
N GLY A 299 -17.34 29.02 -2.48
CA GLY A 299 -17.42 30.45 -2.32
C GLY A 299 -16.25 31.03 -1.55
N SER A 300 -15.71 30.29 -0.59
CA SER A 300 -14.51 30.74 0.10
C SER A 300 -13.38 30.99 -0.89
N ILE A 301 -13.10 30.02 -1.75
CA ILE A 301 -12.03 30.16 -2.75
C ILE A 301 -12.35 31.29 -3.71
N CYS A 302 -13.60 31.35 -4.18
CA CYS A 302 -13.97 32.38 -5.15
C CYS A 302 -13.75 33.77 -4.59
N PHE A 303 -14.31 34.05 -3.40
CA PHE A 303 -14.21 35.38 -2.83
C PHE A 303 -12.82 35.70 -2.31
N ALA A 304 -12.01 34.69 -1.99
CA ALA A 304 -10.63 34.97 -1.60
C ALA A 304 -9.78 35.33 -2.80
N ASN A 305 -9.93 34.61 -3.91
CA ASN A 305 -9.13 34.89 -5.09
C ASN A 305 -9.58 36.14 -5.82
N MET A 306 -10.87 36.48 -5.72
CA MET A 306 -11.37 37.66 -6.41
C MET A 306 -10.69 38.93 -5.90
N GLY A 307 -10.38 38.98 -4.60
CA GLY A 307 -9.74 40.16 -4.06
C GLY A 307 -8.39 40.43 -4.70
N ILE A 308 -7.54 39.41 -4.78
CA ILE A 308 -6.24 39.61 -5.40
C ILE A 308 -6.37 39.79 -6.90
N ALA A 309 -7.38 39.17 -7.52
CA ALA A 309 -7.58 39.34 -8.96
C ALA A 309 -7.95 40.78 -9.29
N MET A 310 -8.75 41.42 -8.46
CA MET A 310 -9.07 42.84 -8.67
C MET A 310 -7.93 43.74 -8.23
N LEU A 311 -7.17 43.36 -7.20
CA LEU A 311 -6.12 44.23 -6.68
C LEU A 311 -4.90 44.29 -7.58
N GLU A 312 -4.56 43.19 -8.25
CA GLU A 312 -3.33 43.16 -9.05
C GLU A 312 -3.29 44.21 -10.14
N PRO A 313 -4.33 44.41 -10.97
CA PRO A 313 -4.24 45.43 -12.02
C PRO A 313 -4.56 46.84 -11.52
N ALA A 314 -5.41 46.94 -10.49
CA ALA A 314 -5.84 48.25 -10.01
C ALA A 314 -4.82 48.91 -9.10
N LEU A 315 -3.88 48.14 -8.53
CA LEU A 315 -2.88 48.74 -7.65
C LEU A 315 -1.96 49.71 -8.38
N PRO A 316 -1.34 49.36 -9.52
CA PRO A 316 -0.42 50.31 -10.15
C PRO A 316 -1.06 51.63 -10.57
N ILE A 317 -2.32 51.60 -11.01
CA ILE A 317 -2.98 52.83 -11.43
C ILE A 317 -3.10 53.80 -10.26
N TRP A 318 -3.57 53.30 -9.11
CA TRP A 318 -3.67 54.14 -7.93
C TRP A 318 -2.30 54.54 -7.41
N MET A 319 -1.30 53.67 -7.53
CA MET A 319 0.04 54.01 -7.10
C MET A 319 0.59 55.19 -7.91
N MET A 320 0.41 55.14 -9.23
CA MET A 320 0.86 56.25 -10.07
C MET A 320 0.05 57.52 -9.79
N GLU A 321 -1.26 57.36 -9.56
CA GLU A 321 -2.10 58.52 -9.35
C GLU A 321 -1.78 59.24 -8.04
N THR A 322 -1.48 58.48 -6.98
CA THR A 322 -1.34 59.05 -5.64
C THR A 322 0.11 59.34 -5.28
N MET A 323 0.96 58.32 -5.28
CA MET A 323 2.34 58.48 -4.82
C MET A 323 3.32 58.81 -5.95
N CYS A 324 2.83 58.99 -7.18
CA CYS A 324 3.67 59.30 -8.34
C CYS A 324 4.90 58.40 -8.40
N SER A 325 4.71 57.13 -8.03
CA SER A 325 5.82 56.19 -8.00
C SER A 325 6.35 55.93 -9.40
N ARG A 326 7.64 55.60 -9.47
CA ARG A 326 8.29 55.39 -10.75
C ARG A 326 7.82 54.07 -11.38
N LYS A 327 8.29 53.82 -12.60
CA LYS A 327 7.89 52.60 -13.31
C LYS A 327 8.48 51.36 -12.68
N TRP A 328 9.65 51.46 -12.06
CA TRP A 328 10.28 50.29 -11.46
C TRP A 328 9.63 49.88 -10.14
N GLN A 329 9.03 50.82 -9.42
CA GLN A 329 8.43 50.50 -8.14
C GLN A 329 7.15 49.69 -8.29
N LEU A 330 6.46 49.84 -9.43
CA LEU A 330 5.19 49.15 -9.62
C LEU A 330 5.37 47.64 -9.63
N GLY A 331 6.44 47.15 -10.26
CA GLY A 331 6.68 45.72 -10.31
C GLY A 331 7.03 45.12 -8.97
N VAL A 332 7.82 45.85 -8.17
CA VAL A 332 8.27 45.31 -6.89
C VAL A 332 7.23 45.50 -5.79
N ALA A 333 6.27 46.41 -5.98
CA ALA A 333 5.25 46.64 -4.95
C ALA A 333 4.45 45.38 -4.67
N PHE A 334 4.20 44.56 -5.69
CA PHE A 334 3.40 43.36 -5.54
C PHE A 334 4.23 42.10 -5.30
N LEU A 335 5.54 42.23 -5.15
CA LEU A 335 6.39 41.07 -4.87
C LEU A 335 6.01 40.36 -3.56
N PRO A 336 5.78 41.06 -2.43
CA PRO A 336 5.42 40.34 -1.21
C PRO A 336 4.16 39.50 -1.34
N ALA A 337 3.16 39.99 -2.08
CA ALA A 337 1.91 39.26 -2.21
C ALA A 337 2.07 37.94 -2.95
N SER A 338 3.14 37.78 -3.72
CA SER A 338 3.44 36.53 -4.39
C SER A 338 4.40 35.65 -3.59
N ILE A 339 5.43 36.25 -2.98
CA ILE A 339 6.36 35.47 -2.18
C ILE A 339 5.64 34.85 -0.98
N SER A 340 4.83 35.64 -0.29
CA SER A 340 4.12 35.14 0.88
C SER A 340 3.08 34.10 0.47
N TYR A 341 2.45 34.27 -0.69
CA TYR A 341 1.53 33.25 -1.17
C TYR A 341 2.25 31.94 -1.44
N LEU A 342 3.44 32.00 -2.05
CA LEU A 342 4.21 30.80 -2.31
C LEU A 342 4.59 30.11 -1.00
N ILE A 343 4.98 30.88 0.01
CA ILE A 343 5.34 30.30 1.31
C ILE A 343 4.12 29.66 1.97
N GLY A 344 3.01 30.42 2.02
CA GLY A 344 1.85 29.96 2.76
C GLY A 344 1.19 28.76 2.14
N THR A 345 1.11 28.70 0.81
CA THR A 345 0.53 27.56 0.14
C THR A 345 1.25 26.27 0.51
N ASN A 346 2.59 26.33 0.57
CA ASN A 346 3.36 25.14 0.89
C ASN A 346 3.24 24.78 2.37
N ILE A 347 3.30 25.76 3.28
CA ILE A 347 3.35 25.39 4.69
C ILE A 347 1.96 25.02 5.22
N PHE A 348 0.92 25.74 4.83
CA PHE A 348 -0.39 25.49 5.40
C PHE A 348 -1.05 24.25 4.84
N GLY A 349 -0.58 23.72 3.71
CA GLY A 349 -1.08 22.44 3.26
C GLY A 349 -0.91 21.35 4.29
N ILE A 350 0.22 21.36 5.00
CA ILE A 350 0.42 20.43 6.11
C ILE A 350 0.04 21.02 7.46
N LEU A 351 -0.01 22.35 7.58
CA LEU A 351 -0.36 22.97 8.86
C LEU A 351 -1.86 23.12 9.09
N ALA A 352 -2.70 22.86 8.10
CA ALA A 352 -4.13 23.06 8.22
C ALA A 352 -4.88 21.80 8.62
N HIS A 353 -4.18 20.70 8.91
CA HIS A 353 -4.82 19.50 9.42
C HIS A 353 -4.63 19.32 10.92
N LYS A 354 -3.53 19.85 11.47
CA LYS A 354 -3.35 19.83 12.92
C LYS A 354 -4.45 20.62 13.62
N MET A 355 -4.73 21.82 13.13
CA MET A 355 -5.91 22.57 13.50
C MET A 355 -6.97 22.41 12.41
N GLY A 356 -8.20 22.78 12.75
CA GLY A 356 -9.30 22.52 11.84
C GLY A 356 -9.13 23.25 10.52
N ARG A 357 -9.50 22.57 9.43
CA ARG A 357 -9.52 23.23 8.13
C ARG A 357 -10.54 24.36 8.12
N TRP A 358 -11.66 24.17 8.82
CA TRP A 358 -12.64 25.24 8.96
C TRP A 358 -12.03 26.46 9.65
N LEU A 359 -11.25 26.24 10.71
CA LEU A 359 -10.62 27.34 11.41
C LEU A 359 -9.56 28.02 10.55
N CYS A 360 -8.81 27.22 9.80
CA CYS A 360 -7.80 27.79 8.91
C CYS A 360 -8.45 28.69 7.87
N ALA A 361 -9.55 28.23 7.26
CA ALA A 361 -10.24 29.04 6.26
C ALA A 361 -10.87 30.28 6.88
N LEU A 362 -11.48 30.14 8.06
CA LEU A 362 -12.07 31.29 8.73
C LEU A 362 -11.02 32.36 9.01
N LEU A 363 -9.90 31.96 9.61
CA LEU A 363 -8.85 32.92 9.93
C LEU A 363 -8.25 33.52 8.66
N GLY A 364 -8.09 32.71 7.61
CA GLY A 364 -7.56 33.25 6.37
C GLY A 364 -8.47 34.29 5.75
N MET A 365 -9.77 34.04 5.76
CA MET A 365 -10.72 35.02 5.22
C MET A 365 -10.68 36.31 6.04
N ILE A 366 -10.64 36.19 7.36
CA ILE A 366 -10.59 37.40 8.19
C ILE A 366 -9.31 38.19 7.92
N ILE A 367 -8.18 37.49 7.81
CA ILE A 367 -6.90 38.17 7.62
C ILE A 367 -6.85 38.85 6.26
N VAL A 368 -7.32 38.19 5.20
CA VAL A 368 -7.28 38.82 3.89
C VAL A 368 -8.23 40.01 3.85
N GLY A 369 -9.39 39.91 4.52
CA GLY A 369 -10.27 41.05 4.58
C GLY A 369 -9.65 42.24 5.28
N VAL A 370 -9.01 42.00 6.42
CA VAL A 370 -8.38 43.10 7.16
C VAL A 370 -7.25 43.73 6.36
N SER A 371 -6.43 42.89 5.72
CA SER A 371 -5.32 43.42 4.94
C SER A 371 -5.81 44.25 3.76
N ILE A 372 -6.86 43.79 3.07
CA ILE A 372 -7.38 44.55 1.95
C ILE A 372 -8.00 45.85 2.43
N LEU A 373 -8.65 45.84 3.60
CA LEU A 373 -9.13 47.08 4.19
C LEU A 373 -8.00 48.05 4.47
N CYS A 374 -6.87 47.54 4.95
CA CYS A 374 -5.76 48.40 5.34
C CYS A 374 -4.89 48.86 4.18
N ILE A 375 -5.00 48.22 3.01
CA ILE A 375 -4.17 48.62 1.87
C ILE A 375 -4.32 50.10 1.49
N PRO A 376 -5.54 50.66 1.35
CA PRO A 376 -5.64 52.05 0.86
C PRO A 376 -5.25 53.12 1.86
N PHE A 377 -4.66 52.73 2.99
CA PHE A 377 -4.17 53.68 3.97
C PHE A 377 -2.66 53.89 3.89
N ALA A 378 -2.02 53.38 2.83
CA ALA A 378 -0.57 53.44 2.70
C ALA A 378 -0.18 54.69 1.92
N LYS A 379 0.63 55.56 2.55
CA LYS A 379 1.09 56.77 1.91
C LYS A 379 2.31 56.56 1.02
N ASN A 380 2.94 55.38 1.10
CA ASN A 380 4.07 55.05 0.24
C ASN A 380 4.21 53.53 0.21
N ILE A 381 5.22 53.05 -0.52
CA ILE A 381 5.39 51.61 -0.72
C ILE A 381 5.68 50.90 0.59
N TYR A 382 6.36 51.58 1.53
CA TYR A 382 6.63 50.96 2.82
C TYR A 382 5.33 50.62 3.54
N GLY A 383 4.32 51.47 3.42
CA GLY A 383 3.01 51.14 3.94
C GLY A 383 2.38 49.97 3.22
N LEU A 384 2.65 49.81 1.93
CA LEU A 384 2.10 48.72 1.14
C LEU A 384 2.82 47.39 1.36
N ILE A 385 3.96 47.40 2.04
CA ILE A 385 4.74 46.17 2.18
C ILE A 385 3.97 45.11 2.96
N ALA A 386 3.42 45.46 4.11
CA ALA A 386 2.87 44.46 5.02
C ALA A 386 1.48 43.96 4.63
N PRO A 387 0.53 44.83 4.27
CA PRO A 387 -0.79 44.31 3.85
C PRO A 387 -0.72 43.35 2.68
N ASN A 388 0.20 43.54 1.74
CA ASN A 388 0.33 42.61 0.63
C ASN A 388 0.79 41.24 1.13
N PHE A 389 1.72 41.22 2.09
CA PHE A 389 2.14 39.96 2.69
C PHE A 389 0.97 39.28 3.38
N GLY A 390 0.18 40.04 4.12
CA GLY A 390 -1.01 39.46 4.75
C GLY A 390 -1.99 38.89 3.75
N VAL A 391 -2.21 39.60 2.65
CA VAL A 391 -3.14 39.13 1.62
C VAL A 391 -2.66 37.80 1.04
N GLY A 392 -1.39 37.75 0.65
CA GLY A 392 -0.87 36.52 0.07
C GLY A 392 -0.90 35.35 1.03
N PHE A 393 -0.48 35.59 2.28
CA PHE A 393 -0.51 34.54 3.29
C PHE A 393 -1.91 34.00 3.49
N ALA A 394 -2.89 34.90 3.68
CA ALA A 394 -4.25 34.47 3.96
C ALA A 394 -4.87 33.72 2.79
N ILE A 395 -4.61 34.18 1.56
CA ILE A 395 -5.13 33.47 0.40
C ILE A 395 -4.52 32.08 0.32
N GLY A 396 -3.22 31.96 0.64
CA GLY A 396 -2.62 30.64 0.70
C GLY A 396 -3.28 29.74 1.72
N MET A 397 -3.57 30.27 2.91
CA MET A 397 -4.27 29.48 3.94
C MET A 397 -5.61 28.98 3.44
N VAL A 398 -6.42 29.88 2.86
CA VAL A 398 -7.77 29.47 2.48
C VAL A 398 -7.72 28.48 1.32
N ASP A 399 -6.79 28.66 0.38
CA ASP A 399 -6.68 27.71 -0.73
C ASP A 399 -6.27 26.33 -0.25
N SER A 400 -5.21 26.27 0.56
CA SER A 400 -4.72 25.00 1.08
C SER A 400 -5.72 24.32 2.00
N SER A 401 -6.61 25.09 2.64
CA SER A 401 -7.64 24.48 3.48
C SER A 401 -8.81 23.96 2.66
N MET A 402 -9.24 24.72 1.65
CA MET A 402 -10.46 24.37 0.93
C MET A 402 -10.23 23.46 -0.28
N MET A 403 -8.98 23.19 -0.65
CA MET A 403 -8.78 22.22 -1.74
C MET A 403 -9.05 20.78 -1.29
N PRO A 404 -8.48 20.27 -0.20
CA PRO A 404 -8.78 18.89 0.19
C PRO A 404 -10.20 18.68 0.67
N ILE A 405 -10.80 19.71 1.31
CA ILE A 405 -12.15 19.55 1.83
C ILE A 405 -13.14 19.34 0.70
N MET A 406 -12.86 19.89 -0.48
CA MET A 406 -13.54 19.48 -1.70
C MET A 406 -12.95 18.14 -2.10
N GLY A 407 -13.72 17.08 -1.93
CA GLY A 407 -13.19 15.74 -2.05
C GLY A 407 -13.34 14.99 -0.75
N TYR A 408 -13.00 15.63 0.37
CA TYR A 408 -13.40 15.08 1.66
C TYR A 408 -14.91 15.06 1.79
N LEU A 409 -15.57 16.15 1.36
CA LEU A 409 -17.02 16.20 1.44
C LEU A 409 -17.68 15.21 0.48
N VAL A 410 -17.09 15.00 -0.70
CA VAL A 410 -17.68 14.05 -1.63
C VAL A 410 -17.47 12.62 -1.15
N ASP A 411 -16.36 12.34 -0.47
CA ASP A 411 -16.20 11.05 0.18
C ASP A 411 -17.23 10.87 1.29
N LEU A 412 -17.46 11.93 2.07
CA LEU A 412 -18.31 11.82 3.25
C LEU A 412 -19.78 11.64 2.87
N ARG A 413 -20.28 12.45 1.95
CA ARG A 413 -21.72 12.50 1.69
C ARG A 413 -22.13 12.07 0.29
N HIS A 414 -21.19 11.74 -0.59
CA HIS A 414 -21.53 11.41 -1.98
C HIS A 414 -20.68 10.23 -2.43
N VAL A 415 -20.66 9.99 -3.73
CA VAL A 415 -19.87 8.92 -4.32
C VAL A 415 -18.44 9.39 -4.52
N SER A 416 -17.48 8.52 -4.23
CA SER A 416 -16.06 8.87 -4.27
C SER A 416 -15.57 8.93 -5.72
N VAL A 417 -16.01 9.97 -6.41
CA VAL A 417 -15.57 10.28 -7.77
C VAL A 417 -15.27 11.78 -7.81
N TYR A 418 -13.99 12.12 -7.94
CA TYR A 418 -13.53 13.50 -7.78
C TYR A 418 -13.39 14.24 -9.10
N GLY A 419 -13.90 13.69 -10.19
CA GLY A 419 -13.76 14.36 -11.48
C GLY A 419 -14.48 15.70 -11.53
N SER A 420 -15.76 15.71 -11.16
CA SER A 420 -16.59 16.90 -11.30
C SER A 420 -16.72 17.70 -10.02
N VAL A 421 -16.06 17.30 -8.93
CA VAL A 421 -16.04 18.13 -7.73
C VAL A 421 -14.86 19.08 -7.73
N TYR A 422 -13.86 18.86 -8.59
CA TYR A 422 -12.77 19.80 -8.76
C TYR A 422 -12.96 20.68 -9.99
N ALA A 423 -13.87 20.31 -10.90
CA ALA A 423 -14.31 21.26 -11.91
C ALA A 423 -14.96 22.48 -11.26
N ILE A 424 -15.74 22.27 -10.20
CA ILE A 424 -16.35 23.37 -9.47
C ILE A 424 -15.28 24.23 -8.81
N ALA A 425 -14.28 23.60 -8.20
CA ALA A 425 -13.21 24.35 -7.57
C ALA A 425 -12.44 25.17 -8.59
N ASP A 426 -12.16 24.59 -9.76
CA ASP A 426 -11.46 25.33 -10.81
C ASP A 426 -12.31 26.47 -11.36
N VAL A 427 -13.63 26.27 -11.45
CA VAL A 427 -14.51 27.36 -11.88
C VAL A 427 -14.47 28.50 -10.86
N ALA A 428 -14.48 28.16 -9.57
CA ALA A 428 -14.36 29.18 -8.54
C ALA A 428 -13.03 29.91 -8.63
N PHE A 429 -11.96 29.17 -8.93
CA PHE A 429 -10.65 29.79 -9.12
C PHE A 429 -10.66 30.77 -10.29
N CYS A 430 -11.21 30.35 -11.42
CA CYS A 430 -11.13 31.12 -12.66
C CYS A 430 -12.13 32.27 -12.72
N MET A 431 -13.18 32.24 -11.90
CA MET A 431 -14.14 33.34 -11.92
C MET A 431 -13.49 34.67 -11.56
N GLY A 432 -12.62 34.66 -10.54
CA GLY A 432 -11.94 35.89 -10.16
C GLY A 432 -11.07 36.43 -11.27
N TYR A 433 -10.27 35.57 -11.89
CA TYR A 433 -9.37 36.03 -12.94
C TYR A 433 -10.09 36.37 -14.23
N ALA A 434 -11.33 35.90 -14.40
CA ALA A 434 -12.13 36.31 -15.55
C ALA A 434 -12.88 37.62 -15.30
N ILE A 435 -13.25 37.91 -14.06
CA ILE A 435 -14.10 39.06 -13.77
C ILE A 435 -13.29 40.27 -13.33
N GLY A 436 -12.21 40.07 -12.57
CA GLY A 436 -11.51 41.14 -11.90
C GLY A 436 -11.01 42.28 -12.75
N PRO A 437 -10.22 41.98 -13.79
CA PRO A 437 -9.61 43.07 -14.57
C PRO A 437 -10.61 44.06 -15.16
N SER A 438 -11.86 43.65 -15.40
CA SER A 438 -12.87 44.53 -15.95
C SER A 438 -13.75 45.16 -14.89
N ALA A 439 -14.34 44.33 -14.00
CA ALA A 439 -15.23 44.86 -12.99
C ALA A 439 -14.49 45.75 -11.99
N GLY A 440 -13.28 45.35 -11.60
CA GLY A 440 -12.51 46.18 -10.69
C GLY A 440 -12.15 47.53 -11.30
N GLY A 441 -11.74 47.54 -12.56
CA GLY A 441 -11.48 48.81 -13.23
C GLY A 441 -12.71 49.68 -13.36
N ALA A 442 -13.85 49.07 -13.68
CA ALA A 442 -15.09 49.85 -13.78
C ALA A 442 -15.48 50.45 -12.45
N ILE A 443 -15.35 49.67 -11.37
CA ILE A 443 -15.72 50.17 -10.05
C ILE A 443 -14.74 51.26 -9.60
N ALA A 444 -13.45 51.08 -9.88
CA ALA A 444 -12.47 52.11 -9.53
C ALA A 444 -12.75 53.40 -10.31
N LYS A 445 -13.22 53.28 -11.56
CA LYS A 445 -13.65 54.46 -12.29
C LYS A 445 -14.87 55.10 -11.65
N ALA A 446 -15.81 54.28 -11.18
CA ALA A 446 -17.08 54.80 -10.67
C ALA A 446 -16.91 55.48 -9.32
N ILE A 447 -16.47 54.73 -8.32
CA ILE A 447 -16.40 55.24 -6.96
C ILE A 447 -14.97 55.44 -6.46
N GLY A 448 -14.00 54.67 -6.96
CA GLY A 448 -12.63 54.89 -6.56
C GLY A 448 -11.94 53.65 -6.00
N PHE A 449 -10.62 53.67 -5.98
CA PHE A 449 -9.86 52.55 -5.44
C PHE A 449 -10.14 52.29 -3.96
N PRO A 450 -10.14 53.30 -3.07
CA PRO A 450 -10.42 52.99 -1.66
C PRO A 450 -11.76 52.34 -1.42
N TRP A 451 -12.80 52.78 -2.12
CA TRP A 451 -14.13 52.21 -1.90
C TRP A 451 -14.21 50.79 -2.44
N LEU A 452 -13.56 50.52 -3.57
CA LEU A 452 -13.51 49.16 -4.08
C LEU A 452 -12.79 48.24 -3.10
N MET A 453 -11.66 48.70 -2.55
CA MET A 453 -10.94 47.87 -1.58
C MET A 453 -11.77 47.63 -0.33
N THR A 454 -12.47 48.67 0.15
CA THR A 454 -13.33 48.50 1.31
C THR A 454 -14.44 47.50 1.04
N ILE A 455 -15.04 47.54 -0.15
CA ILE A 455 -16.11 46.61 -0.49
C ILE A 455 -15.57 45.18 -0.49
N ILE A 456 -14.42 44.96 -1.14
CA ILE A 456 -13.85 43.62 -1.22
C ILE A 456 -13.55 43.09 0.18
N GLY A 457 -12.92 43.92 1.02
CA GLY A 457 -12.57 43.48 2.35
C GLY A 457 -13.79 43.20 3.21
N ILE A 458 -14.83 44.02 3.10
CA ILE A 458 -16.04 43.79 3.88
C ILE A 458 -16.70 42.48 3.46
N ILE A 459 -16.72 42.19 2.15
CA ILE A 459 -17.29 40.93 1.69
C ILE A 459 -16.50 39.76 2.24
N ASP A 460 -15.17 39.84 2.19
CA ASP A 460 -14.34 38.74 2.70
C ASP A 460 -14.51 38.56 4.20
N ILE A 461 -14.68 39.65 4.95
CA ILE A 461 -14.86 39.55 6.39
C ILE A 461 -16.23 38.95 6.71
N LEU A 462 -17.27 39.34 5.97
CA LEU A 462 -18.61 38.86 6.26
C LEU A 462 -18.78 37.40 5.85
N PHE A 463 -18.05 36.93 4.83
CA PHE A 463 -18.16 35.53 4.45
C PHE A 463 -17.44 34.60 5.42
N ALA A 464 -16.61 35.13 6.31
CA ALA A 464 -15.79 34.27 7.17
C ALA A 464 -16.60 33.36 8.09
N PRO A 465 -17.62 33.83 8.81
CA PRO A 465 -18.34 32.92 9.73
C PRO A 465 -19.04 31.78 9.04
N LEU A 466 -19.28 31.86 7.73
CA LEU A 466 -19.92 30.76 7.01
C LEU A 466 -19.05 29.52 6.95
N CYS A 467 -17.75 29.65 7.20
CA CYS A 467 -16.86 28.50 7.21
C CYS A 467 -16.94 27.70 8.50
N PHE A 468 -17.71 28.18 9.48
CA PHE A 468 -17.91 27.42 10.71
C PHE A 468 -18.78 26.18 10.46
N PHE A 469 -19.64 26.23 9.45
CA PHE A 469 -20.52 25.11 9.16
C PHE A 469 -19.79 23.89 8.61
N LEU A 470 -18.52 24.04 8.24
CA LEU A 470 -17.70 22.92 7.79
C LEU A 470 -16.95 22.26 8.93
N ARG A 471 -17.21 22.67 10.17
CA ARG A 471 -16.55 22.06 11.32
C ARG A 471 -16.91 20.59 11.44
N SER A 472 -18.18 20.25 11.25
CA SER A 472 -18.63 18.87 11.33
C SER A 472 -19.85 18.69 10.44
N PRO A 473 -19.64 18.48 9.14
CA PRO A 473 -20.75 18.21 8.24
C PRO A 473 -21.29 16.81 8.47
N PRO A 474 -22.60 16.65 8.54
CA PRO A 474 -23.17 15.31 8.76
C PRO A 474 -22.84 14.38 7.60
N ALA A 475 -22.58 13.12 7.92
CA ALA A 475 -22.30 12.13 6.87
C ALA A 475 -23.51 11.94 5.98
N LYS A 476 -24.67 11.68 6.58
CA LYS A 476 -25.95 11.61 5.86
C LYS A 476 -25.87 10.70 4.63
N GLU A 477 -25.20 9.57 4.79
CA GLU A 477 -25.12 8.60 3.71
C GLU A 477 -25.59 7.24 4.19
N ASP B 7 16.97 0.20 7.62
CA ASP B 7 15.92 -0.74 7.24
C ASP B 7 14.72 -0.60 8.17
N ILE B 8 13.57 -0.24 7.59
CA ILE B 8 12.35 -0.08 8.38
C ILE B 8 11.87 -1.44 8.85
N VAL B 9 11.58 -1.56 10.14
CA VAL B 9 11.13 -2.80 10.74
C VAL B 9 9.65 -2.69 11.00
N MET B 10 8.86 -3.49 10.29
CA MET B 10 7.40 -3.51 10.47
C MET B 10 7.08 -4.58 11.51
N THR B 11 6.71 -4.13 12.72
CA THR B 11 6.47 -5.03 13.84
C THR B 11 5.01 -5.44 13.89
N GLN B 12 4.77 -6.75 13.92
CA GLN B 12 3.46 -7.32 14.15
C GLN B 12 3.46 -7.99 15.52
N SER B 13 2.64 -7.47 16.43
CA SER B 13 2.77 -7.85 17.84
C SER B 13 2.38 -9.30 18.08
N GLN B 14 1.23 -9.73 17.54
CA GLN B 14 0.66 -11.03 17.85
C GLN B 14 0.91 -12.00 16.71
N LYS B 15 1.47 -13.16 17.03
CA LYS B 15 1.69 -14.20 16.04
C LYS B 15 0.46 -15.08 15.85
N PHE B 16 -0.38 -15.20 16.89
CA PHE B 16 -1.60 -15.99 16.82
C PHE B 16 -2.74 -15.19 17.41
N MET B 17 -3.89 -15.21 16.73
CA MET B 17 -5.09 -14.54 17.20
C MET B 17 -6.25 -15.53 17.15
N SER B 18 -6.98 -15.63 18.26
CA SER B 18 -8.12 -16.54 18.37
C SER B 18 -9.41 -15.73 18.30
N THR B 19 -10.30 -16.14 17.41
CA THR B 19 -11.58 -15.46 17.20
C THR B 19 -12.68 -16.49 17.06
N SER B 20 -13.90 -16.01 16.84
CA SER B 20 -15.05 -16.86 16.58
C SER B 20 -15.82 -16.29 15.41
N VAL B 21 -16.61 -17.15 14.76
CA VAL B 21 -17.36 -16.73 13.59
C VAL B 21 -18.39 -15.68 13.97
N GLY B 22 -18.39 -14.56 13.24
CA GLY B 22 -19.30 -13.46 13.48
C GLY B 22 -18.69 -12.31 14.24
N ASP B 23 -17.52 -12.48 14.84
CA ASP B 23 -16.89 -11.42 15.60
C ASP B 23 -16.11 -10.48 14.69
N ARG B 24 -15.63 -9.38 15.26
CA ARG B 24 -14.79 -8.43 14.58
C ARG B 24 -13.37 -8.53 15.12
N VAL B 25 -12.38 -8.53 14.22
CA VAL B 25 -10.99 -8.68 14.61
C VAL B 25 -10.17 -7.60 13.94
N SER B 26 -9.06 -7.21 14.59
CA SER B 26 -8.16 -6.20 14.07
C SER B 26 -6.72 -6.67 14.24
N ILE B 27 -5.92 -6.54 13.18
CA ILE B 27 -4.51 -6.91 13.19
C ILE B 27 -3.70 -5.65 12.96
N THR B 28 -2.72 -5.41 13.82
CA THR B 28 -1.94 -4.19 13.82
C THR B 28 -0.52 -4.45 13.34
N CYS B 29 0.04 -3.46 12.65
CA CYS B 29 1.39 -3.52 12.11
C CYS B 29 1.99 -2.13 12.24
N LYS B 30 3.08 -2.00 13.01
CA LYS B 30 3.66 -0.71 13.34
C LYS B 30 4.97 -0.53 12.60
N ALA B 31 5.09 0.58 11.87
CA ALA B 31 6.29 0.87 11.11
C ALA B 31 7.37 1.41 12.05
N SER B 32 8.47 1.87 11.48
CA SER B 32 9.58 2.35 12.30
C SER B 32 10.06 3.74 11.93
N GLN B 33 10.03 4.10 10.64
CA GLN B 33 10.58 5.37 10.18
C GLN B 33 9.59 6.10 9.28
N ASN B 34 8.34 6.19 9.72
CA ASN B 34 7.31 7.00 9.06
C ASN B 34 7.13 6.58 7.60
N VAL B 35 6.66 5.35 7.44
CA VAL B 35 6.27 4.84 6.13
C VAL B 35 4.89 5.40 5.82
N GLY B 36 4.83 6.34 4.88
CA GLY B 36 3.58 7.03 4.63
C GLY B 36 2.68 6.37 3.61
N THR B 37 1.72 5.58 4.08
CA THR B 37 0.72 4.91 3.26
C THR B 37 1.32 4.06 2.15
N ASP B 38 2.61 3.77 2.23
CA ASP B 38 3.25 2.83 1.31
C ASP B 38 3.25 1.42 1.90
N VAL B 39 2.08 0.95 2.31
CA VAL B 39 1.93 -0.30 3.03
C VAL B 39 0.82 -1.11 2.38
N SER B 40 1.07 -2.39 2.18
CA SER B 40 0.09 -3.31 1.62
C SER B 40 -0.14 -4.47 2.57
N TRP B 41 -1.31 -5.09 2.47
CA TRP B 41 -1.67 -6.24 3.30
C TRP B 41 -1.89 -7.44 2.39
N TYR B 42 -1.32 -8.59 2.78
CA TYR B 42 -1.47 -9.82 2.02
C TYR B 42 -2.02 -10.91 2.92
N GLN B 43 -2.79 -11.80 2.31
CA GLN B 43 -3.39 -12.93 3.00
C GLN B 43 -2.98 -14.23 2.30
N GLN B 44 -2.51 -15.18 3.08
CA GLN B 44 -2.13 -16.51 2.60
C GLN B 44 -3.03 -17.54 3.25
N LYS B 45 -3.86 -18.18 2.46
CA LYS B 45 -4.74 -19.24 2.93
C LYS B 45 -3.94 -20.53 3.12
N PRO B 46 -4.40 -21.42 4.00
CA PRO B 46 -3.68 -22.69 4.20
C PRO B 46 -3.63 -23.51 2.93
N GLY B 47 -2.41 -23.78 2.47
CA GLY B 47 -2.19 -24.55 1.25
C GLY B 47 -2.13 -23.73 -0.03
N LYS B 48 -2.25 -22.42 0.05
CA LYS B 48 -2.23 -21.55 -1.12
C LYS B 48 -1.10 -20.54 -1.00
N SER B 49 -0.99 -19.67 -2.00
CA SER B 49 0.00 -18.61 -2.09
C SER B 49 -0.63 -17.27 -1.72
N PRO B 50 0.17 -16.31 -1.26
CA PRO B 50 -0.41 -15.04 -0.81
C PRO B 50 -1.11 -14.28 -1.93
N LYS B 51 -2.16 -13.56 -1.54
CA LYS B 51 -2.91 -12.68 -2.42
C LYS B 51 -3.12 -11.34 -1.73
N PRO B 52 -3.07 -10.24 -2.47
CA PRO B 52 -3.24 -8.93 -1.84
C PRO B 52 -4.67 -8.67 -1.41
N LEU B 53 -4.82 -7.92 -0.33
CA LEU B 53 -6.11 -7.46 0.15
C LEU B 53 -6.23 -5.95 0.11
N ILE B 54 -5.31 -5.23 0.72
CA ILE B 54 -5.33 -3.78 0.82
C ILE B 54 -4.05 -3.23 0.23
N TYR B 55 -4.18 -2.26 -0.68
CA TYR B 55 -3.03 -1.57 -1.24
C TYR B 55 -3.08 -0.10 -0.86
N TRP B 56 -1.90 0.48 -0.68
CA TRP B 56 -1.75 1.87 -0.23
C TRP B 56 -2.39 2.09 1.13
N ALA B 57 -2.45 1.03 1.93
CA ALA B 57 -2.76 1.06 3.36
C ALA B 57 -4.23 1.36 3.66
N SER B 58 -5.02 1.71 2.66
CA SER B 58 -6.44 1.91 2.90
C SER B 58 -7.33 1.41 1.77
N ASN B 59 -6.81 1.14 0.58
CA ASN B 59 -7.63 0.85 -0.59
C ASN B 59 -7.81 -0.64 -0.76
N ARG B 60 -9.04 -1.07 -0.97
CA ARG B 60 -9.37 -2.48 -1.08
C ARG B 60 -9.08 -2.99 -2.48
N PHE B 61 -8.41 -4.14 -2.56
CA PHE B 61 -8.13 -4.76 -3.84
C PHE B 61 -9.43 -5.24 -4.48
N THR B 62 -9.41 -5.34 -5.81
CA THR B 62 -10.59 -5.77 -6.54
C THR B 62 -10.91 -7.23 -6.22
N GLY B 63 -12.19 -7.52 -6.01
CA GLY B 63 -12.63 -8.85 -5.67
C GLY B 63 -12.56 -9.19 -4.19
N VAL B 64 -12.07 -8.27 -3.36
CA VAL B 64 -11.98 -8.50 -1.91
C VAL B 64 -13.32 -8.10 -1.29
N PRO B 65 -13.88 -8.93 -0.41
CA PRO B 65 -15.18 -8.59 0.18
C PRO B 65 -15.11 -7.32 1.02
N ASP B 66 -16.28 -6.76 1.31
CA ASP B 66 -16.38 -5.49 2.02
C ASP B 66 -16.01 -5.61 3.49
N ARG B 67 -15.81 -6.81 4.01
CA ARG B 67 -15.47 -6.97 5.43
C ARG B 67 -14.11 -6.36 5.74
N PHE B 68 -13.14 -6.54 4.85
CA PHE B 68 -11.77 -6.10 5.11
C PHE B 68 -11.66 -4.59 4.91
N THR B 69 -11.16 -3.90 5.94
CA THR B 69 -10.89 -2.48 5.86
C THR B 69 -9.46 -2.21 6.35
N GLY B 70 -8.86 -1.16 5.81
CA GLY B 70 -7.52 -0.77 6.19
C GLY B 70 -7.50 0.65 6.72
N SER B 71 -6.72 0.87 7.78
CA SER B 71 -6.65 2.16 8.43
C SER B 71 -5.20 2.48 8.79
N ARG B 72 -4.90 3.77 8.91
CA ARG B 72 -3.59 4.23 9.33
C ARG B 72 -3.74 5.41 10.27
N SER B 73 -3.01 5.37 11.39
CA SER B 73 -2.94 6.48 12.34
C SER B 73 -1.47 6.73 12.65
N GLY B 74 -0.82 7.54 11.83
CA GLY B 74 0.59 7.82 12.02
C GLY B 74 1.48 6.74 11.44
N THR B 75 2.07 5.92 12.31
CA THR B 75 2.89 4.79 11.90
C THR B 75 2.27 3.46 12.29
N ASP B 76 0.97 3.44 12.61
CA ASP B 76 0.25 2.23 12.96
C ASP B 76 -0.77 1.94 11.87
N PHE B 77 -0.73 0.72 11.32
CA PHE B 77 -1.62 0.30 10.27
C PHE B 77 -2.48 -0.85 10.78
N THR B 78 -3.78 -0.76 10.60
CA THR B 78 -4.73 -1.73 11.12
C THR B 78 -5.52 -2.34 9.98
N LEU B 79 -5.64 -3.67 10.00
CA LEU B 79 -6.52 -4.40 9.10
C LEU B 79 -7.67 -4.96 9.93
N THR B 80 -8.89 -4.59 9.56
CA THR B 80 -10.08 -4.95 10.33
C THR B 80 -10.97 -5.86 9.50
N ILE B 81 -11.36 -6.99 10.10
CA ILE B 81 -12.35 -7.90 9.52
C ILE B 81 -13.60 -7.79 10.39
N SER B 82 -14.67 -7.27 9.78
CA SER B 82 -15.88 -6.95 10.54
C SER B 82 -16.68 -8.20 10.90
N ASN B 83 -16.82 -9.14 9.97
CA ASN B 83 -17.62 -10.35 10.17
C ASN B 83 -16.77 -11.55 9.81
N VAL B 84 -16.02 -12.06 10.79
CA VAL B 84 -15.12 -13.18 10.54
C VAL B 84 -15.94 -14.41 10.17
N GLN B 85 -15.55 -15.07 9.08
CA GLN B 85 -16.19 -16.28 8.61
C GLN B 85 -15.19 -17.44 8.66
N SER B 86 -15.65 -18.61 8.24
CA SER B 86 -14.78 -19.79 8.24
C SER B 86 -13.68 -19.67 7.19
N GLU B 87 -13.90 -18.90 6.13
CA GLU B 87 -12.91 -18.73 5.08
C GLU B 87 -11.88 -17.67 5.40
N ASP B 88 -12.05 -16.92 6.49
CA ASP B 88 -11.13 -15.85 6.85
C ASP B 88 -10.01 -16.31 7.77
N LEU B 89 -9.96 -17.60 8.09
CA LEU B 89 -8.88 -18.13 8.94
C LEU B 89 -7.68 -18.43 8.04
N ALA B 90 -6.69 -17.55 8.09
CA ALA B 90 -5.50 -17.65 7.25
C ALA B 90 -4.40 -16.80 7.89
N ASP B 91 -3.31 -16.62 7.16
CA ASP B 91 -2.21 -15.78 7.62
C ASP B 91 -2.31 -14.41 6.95
N TYR B 92 -1.96 -13.36 7.70
CA TYR B 92 -1.98 -12.01 7.19
C TYR B 92 -0.66 -11.33 7.52
N PHE B 93 -0.10 -10.61 6.55
CA PHE B 93 1.14 -9.88 6.80
C PHE B 93 1.13 -8.55 6.06
N CYS B 94 2.00 -7.65 6.52
CA CYS B 94 2.11 -6.29 6.01
C CYS B 94 3.45 -6.11 5.31
N GLU B 95 3.44 -5.33 4.23
CA GLU B 95 4.65 -5.00 3.49
C GLU B 95 4.76 -3.49 3.35
N GLN B 96 5.99 -3.00 3.32
CA GLN B 96 6.29 -1.61 3.02
C GLN B 96 7.31 -1.54 1.89
N TYR B 97 7.08 -0.64 0.95
CA TYR B 97 7.99 -0.42 -0.17
C TYR B 97 8.45 1.02 -0.22
N SER B 98 8.47 1.69 0.93
CA SER B 98 8.89 3.09 0.98
C SER B 98 10.35 3.25 0.58
N SER B 99 11.21 2.32 0.99
CA SER B 99 12.61 2.36 0.63
C SER B 99 13.19 0.96 0.67
N TYR B 100 14.06 0.66 -0.28
CA TYR B 100 14.72 -0.63 -0.29
C TYR B 100 15.69 -0.73 0.90
N PRO B 101 15.84 -1.93 1.49
CA PRO B 101 15.20 -3.20 1.14
C PRO B 101 13.74 -3.25 1.52
N LEU B 102 12.94 -4.01 0.77
CA LEU B 102 11.54 -4.22 1.13
C LEU B 102 11.47 -5.14 2.33
N THR B 103 10.69 -4.76 3.34
CA THR B 103 10.56 -5.51 4.57
C THR B 103 9.11 -5.91 4.78
N PHE B 104 8.89 -7.17 5.12
CA PHE B 104 7.57 -7.70 5.43
C PHE B 104 7.41 -7.85 6.93
N GLY B 105 6.19 -7.59 7.40
CA GLY B 105 5.89 -7.90 8.78
C GLY B 105 5.76 -9.39 9.01
N ALA B 106 5.96 -9.79 10.26
CA ALA B 106 5.81 -11.20 10.61
C ALA B 106 4.35 -11.61 10.48
N GLY B 107 4.14 -12.92 10.42
CA GLY B 107 2.80 -13.44 10.18
C GLY B 107 1.88 -13.26 11.37
N THR B 108 0.59 -13.44 11.09
CA THR B 108 -0.44 -13.47 12.13
C THR B 108 -1.51 -14.45 11.68
N LYS B 109 -1.75 -15.48 12.48
CA LYS B 109 -2.67 -16.55 12.12
C LYS B 109 -3.98 -16.40 12.90
N LEU B 110 -5.09 -16.51 12.20
CA LEU B 110 -6.41 -16.49 12.81
C LEU B 110 -6.87 -17.92 13.06
N GLU B 111 -7.32 -18.19 14.28
CA GLU B 111 -7.71 -19.53 14.68
C GLU B 111 -9.04 -19.47 15.41
N LEU B 112 -9.77 -20.58 15.38
CA LEU B 112 -11.07 -20.66 16.01
C LEU B 112 -10.93 -20.69 17.54
N LYS B 113 -12.04 -20.43 18.21
CA LYS B 113 -12.11 -20.48 19.66
C LYS B 113 -13.17 -21.48 20.08
N ARG B 114 -12.94 -22.12 21.23
CA ARG B 114 -13.87 -23.11 21.76
C ARG B 114 -13.58 -23.28 23.26
N ALA B 115 -14.39 -24.13 23.90
CA ALA B 115 -14.22 -24.38 25.32
C ALA B 115 -12.97 -25.18 25.59
N ASP B 116 -12.35 -24.92 26.73
CA ASP B 116 -11.11 -25.58 27.10
C ASP B 116 -11.32 -27.07 27.31
N ALA B 117 -10.29 -27.85 26.97
CA ALA B 117 -10.32 -29.29 27.15
C ALA B 117 -8.98 -29.75 27.71
N ALA B 118 -9.03 -30.84 28.48
CA ALA B 118 -7.81 -31.41 29.04
C ALA B 118 -7.25 -32.48 28.12
N PRO B 119 -5.94 -32.52 27.94
CA PRO B 119 -5.34 -33.50 27.02
C PRO B 119 -5.54 -34.92 27.50
N THR B 120 -5.69 -35.83 26.54
CA THR B 120 -5.65 -37.26 26.80
C THR B 120 -4.22 -37.73 26.64
N VAL B 121 -3.62 -38.26 27.71
CA VAL B 121 -2.22 -38.61 27.73
C VAL B 121 -2.10 -40.12 27.64
N SER B 122 -1.38 -40.60 26.63
CA SER B 122 -1.15 -42.03 26.46
C SER B 122 0.34 -42.30 26.31
N ILE B 123 0.81 -43.34 27.01
CA ILE B 123 2.22 -43.71 27.02
C ILE B 123 2.39 -45.02 26.26
N PHE B 124 3.55 -45.16 25.60
CA PHE B 124 3.84 -46.34 24.81
C PHE B 124 5.30 -46.75 24.97
N PRO B 125 5.56 -47.92 25.52
CA PRO B 125 6.93 -48.42 25.63
C PRO B 125 7.47 -48.85 24.29
N PRO B 126 8.78 -49.00 24.14
CA PRO B 126 9.35 -49.38 22.84
C PRO B 126 8.91 -50.78 22.43
N SER B 127 8.75 -50.94 21.12
CA SER B 127 8.32 -52.22 20.56
C SER B 127 9.45 -53.24 20.62
N SER B 128 9.07 -54.52 20.53
CA SER B 128 10.05 -55.60 20.54
C SER B 128 10.93 -55.55 19.29
N GLU B 129 10.36 -55.17 18.15
CA GLU B 129 11.14 -55.10 16.91
C GLU B 129 12.27 -54.08 17.04
N GLN B 130 11.98 -52.93 17.62
CA GLN B 130 13.02 -51.93 17.83
C GLN B 130 14.09 -52.43 18.79
N LEU B 131 13.67 -53.13 19.85
CA LEU B 131 14.63 -53.67 20.80
C LEU B 131 15.53 -54.73 20.16
N THR B 132 15.01 -55.48 19.18
CA THR B 132 15.85 -56.43 18.47
C THR B 132 16.93 -55.74 17.65
N SER B 133 16.68 -54.50 17.22
CA SER B 133 17.64 -53.72 16.45
C SER B 133 18.54 -52.86 17.34
N GLY B 134 18.40 -52.95 18.65
CA GLY B 134 19.24 -52.20 19.56
C GLY B 134 18.78 -50.79 19.87
N GLY B 135 17.59 -50.40 19.43
CA GLY B 135 17.05 -49.07 19.69
C GLY B 135 15.83 -49.15 20.58
N ALA B 136 15.59 -48.07 21.33
CA ALA B 136 14.43 -47.97 22.19
C ALA B 136 13.81 -46.59 22.02
N SER B 137 12.48 -46.54 21.98
CA SER B 137 11.76 -45.28 21.82
C SER B 137 10.48 -45.33 22.63
N VAL B 138 10.32 -44.40 23.56
CA VAL B 138 9.12 -44.28 24.37
C VAL B 138 8.31 -43.10 23.86
N VAL B 139 7.03 -43.33 23.57
CA VAL B 139 6.18 -42.35 22.92
C VAL B 139 5.11 -41.87 23.89
N CYS B 140 4.80 -40.57 23.82
CA CYS B 140 3.76 -39.97 24.66
C CYS B 140 2.88 -39.12 23.76
N PHE B 141 1.61 -39.49 23.68
CA PHE B 141 0.63 -38.78 22.86
C PHE B 141 -0.26 -37.92 23.75
N LEU B 142 -0.33 -36.63 23.45
CA LEU B 142 -1.27 -35.70 24.08
C LEU B 142 -2.31 -35.37 23.03
N ASN B 143 -3.50 -35.95 23.17
CA ASN B 143 -4.38 -36.11 22.01
C ASN B 143 -5.24 -34.88 21.71
N ASN B 144 -6.09 -34.47 22.64
CA ASN B 144 -7.10 -33.45 22.34
C ASN B 144 -7.17 -32.43 23.46
N PHE B 145 -6.78 -31.19 23.16
CA PHE B 145 -6.86 -30.08 24.10
C PHE B 145 -6.95 -28.79 23.29
N TYR B 146 -7.79 -27.86 23.75
CA TYR B 146 -7.96 -26.65 22.96
C TYR B 146 -6.81 -25.66 23.16
N PRO B 147 -6.45 -25.25 24.38
CA PRO B 147 -5.38 -24.27 24.53
C PRO B 147 -4.09 -24.76 23.89
N LYS B 148 -3.54 -23.96 22.99
CA LYS B 148 -2.42 -24.40 22.16
C LYS B 148 -1.19 -24.72 23.00
N ASP B 149 -0.90 -23.90 23.99
CA ASP B 149 0.32 -24.07 24.78
C ASP B 149 0.20 -25.26 25.73
N ILE B 150 1.29 -26.02 25.84
CA ILE B 150 1.35 -27.17 26.73
C ILE B 150 2.81 -27.51 26.95
N ASN B 151 3.10 -28.20 28.06
CA ASN B 151 4.46 -28.57 28.42
C ASN B 151 4.53 -30.05 28.74
N VAL B 152 5.67 -30.66 28.45
CA VAL B 152 5.90 -32.08 28.72
C VAL B 152 7.26 -32.26 29.37
N LYS B 153 7.30 -33.05 30.44
CA LYS B 153 8.52 -33.42 31.13
C LYS B 153 8.67 -34.93 31.13
N TRP B 154 9.86 -35.41 30.75
CA TRP B 154 10.17 -36.84 30.75
C TRP B 154 11.01 -37.14 31.97
N LYS B 155 10.56 -38.09 32.79
CA LYS B 155 11.26 -38.45 34.02
C LYS B 155 11.60 -39.93 34.00
N ILE B 156 12.89 -40.24 34.01
CA ILE B 156 13.37 -41.61 34.10
C ILE B 156 13.80 -41.81 35.55
N ASP B 157 12.85 -42.27 36.37
CA ASP B 157 13.04 -42.38 37.82
C ASP B 157 13.44 -41.04 38.42
N GLY B 158 12.83 -39.97 37.91
CA GLY B 158 13.13 -38.63 38.39
C GLY B 158 14.35 -37.99 37.81
N SER B 159 14.93 -38.56 36.75
CA SER B 159 16.16 -38.03 36.18
C SER B 159 15.94 -36.71 35.44
N GLU B 160 14.72 -36.44 34.97
CA GLU B 160 14.40 -35.22 34.25
C GLU B 160 15.30 -35.05 33.02
N ARG B 161 15.15 -35.98 32.09
CA ARG B 161 15.99 -36.01 30.89
C ARG B 161 15.46 -35.01 29.86
N GLN B 162 16.38 -34.24 29.26
CA GLN B 162 16.01 -33.21 28.29
C GLN B 162 16.78 -33.35 26.99
N ASN B 163 17.41 -34.49 26.76
CA ASN B 163 18.17 -34.74 25.53
C ASN B 163 17.61 -35.96 24.83
N GLY B 164 17.51 -35.86 23.50
CA GLY B 164 16.92 -36.93 22.72
C GLY B 164 15.41 -36.90 22.63
N VAL B 165 14.79 -35.79 23.00
CA VAL B 165 13.33 -35.66 22.99
C VAL B 165 12.93 -34.95 21.70
N LEU B 166 12.06 -35.59 20.93
CA LEU B 166 11.57 -35.05 19.67
C LEU B 166 10.07 -34.78 19.80
N ASN B 167 9.66 -33.55 19.53
CA ASN B 167 8.28 -33.13 19.70
C ASN B 167 7.68 -32.73 18.35
N SER B 168 6.49 -33.24 18.06
CA SER B 168 5.73 -32.86 16.88
C SER B 168 4.39 -32.27 17.29
N TRP B 169 4.02 -31.17 16.66
CA TRP B 169 2.78 -30.46 16.99
C TRP B 169 1.89 -30.42 15.76
N THR B 170 0.62 -30.74 15.96
CA THR B 170 -0.38 -30.69 14.89
C THR B 170 -1.06 -29.33 14.88
N ASP B 171 -1.56 -28.95 13.71
CA ASP B 171 -2.35 -27.73 13.60
C ASP B 171 -3.74 -27.96 14.19
N GLN B 172 -4.55 -26.90 14.20
CA GLN B 172 -5.88 -27.00 14.76
C GLN B 172 -6.74 -27.95 13.93
N ASP B 173 -7.50 -28.79 14.63
CA ASP B 173 -8.37 -29.73 13.95
C ASP B 173 -9.50 -29.01 13.22
N SER B 174 -9.84 -29.50 12.02
CA SER B 174 -10.91 -28.88 11.26
C SER B 174 -12.27 -29.19 11.88
N LYS B 175 -12.49 -30.45 12.24
CA LYS B 175 -13.79 -30.86 12.77
C LYS B 175 -13.99 -30.40 14.22
N ASP B 176 -12.95 -30.48 15.05
CA ASP B 176 -13.08 -30.28 16.48
C ASP B 176 -12.44 -29.00 16.99
N SER B 177 -11.60 -28.33 16.20
CA SER B 177 -10.91 -27.12 16.62
C SER B 177 -10.05 -27.38 17.86
N THR B 178 -9.38 -28.53 17.90
CA THR B 178 -8.55 -28.93 19.02
C THR B 178 -7.17 -29.33 18.50
N TYR B 179 -6.19 -29.30 19.40
CA TYR B 179 -4.80 -29.54 19.06
C TYR B 179 -4.33 -30.90 19.55
N SER B 180 -3.14 -31.29 19.13
CA SER B 180 -2.52 -32.54 19.51
C SER B 180 -1.01 -32.37 19.48
N MET B 181 -0.30 -33.27 20.17
CA MET B 181 1.14 -33.26 20.09
C MET B 181 1.69 -34.62 20.50
N SER B 182 2.87 -34.94 19.96
CA SER B 182 3.55 -36.20 20.24
C SER B 182 4.97 -35.93 20.71
N SER B 183 5.41 -36.66 21.72
CA SER B 183 6.77 -36.53 22.25
C SER B 183 7.42 -37.90 22.30
N THR B 184 8.61 -38.00 21.70
CA THR B 184 9.33 -39.26 21.60
C THR B 184 10.67 -39.13 22.31
N LEU B 185 10.96 -40.08 23.20
CA LEU B 185 12.25 -40.16 23.87
C LEU B 185 12.99 -41.36 23.32
N THR B 186 14.15 -41.11 22.71
CA THR B 186 14.95 -42.13 22.06
C THR B 186 16.16 -42.47 22.93
N LEU B 187 16.35 -43.76 23.18
CA LEU B 187 17.46 -44.23 24.00
C LEU B 187 18.07 -45.46 23.35
N THR B 188 19.36 -45.67 23.61
CA THR B 188 19.99 -46.91 23.23
C THR B 188 19.46 -48.05 24.07
N LYS B 189 19.58 -49.27 23.54
CA LYS B 189 19.05 -50.44 24.24
C LYS B 189 19.73 -50.63 25.60
N ASP B 190 21.06 -50.49 25.63
CA ASP B 190 21.79 -50.68 26.87
C ASP B 190 21.36 -49.68 27.94
N GLU B 191 21.19 -48.41 27.55
CA GLU B 191 20.70 -47.42 28.51
C GLU B 191 19.26 -47.70 28.91
N TYR B 192 18.44 -48.20 27.98
CA TYR B 192 17.05 -48.48 28.29
C TYR B 192 16.92 -49.59 29.32
N GLU B 193 17.71 -50.65 29.19
CA GLU B 193 17.59 -51.78 30.13
C GLU B 193 18.03 -51.40 31.53
N ARG B 194 18.93 -50.42 31.67
CA ARG B 194 19.44 -50.08 32.99
C ARG B 194 18.35 -49.52 33.89
N HIS B 195 17.50 -48.64 33.37
CA HIS B 195 16.50 -47.96 34.16
C HIS B 195 15.18 -48.72 34.15
N ASN B 196 14.38 -48.52 35.20
CA ASN B 196 13.15 -49.28 35.42
C ASN B 196 11.90 -48.54 34.97
N SER B 197 11.66 -47.34 35.52
CA SER B 197 10.40 -46.65 35.34
C SER B 197 10.57 -45.43 34.46
N TYR B 198 9.57 -45.18 33.60
CA TYR B 198 9.57 -44.02 32.71
C TYR B 198 8.22 -43.31 32.83
N THR B 199 8.25 -41.99 33.03
CA THR B 199 7.05 -41.21 33.22
C THR B 199 7.02 -40.03 32.27
N CYS B 200 5.84 -39.74 31.74
CA CYS B 200 5.59 -38.57 30.90
C CYS B 200 4.58 -37.69 31.63
N GLU B 201 4.95 -36.43 31.86
CA GLU B 201 4.11 -35.49 32.60
C GLU B 201 3.69 -34.36 31.67
N ALA B 202 2.38 -34.19 31.50
CA ALA B 202 1.83 -33.13 30.67
C ALA B 202 1.24 -32.06 31.57
N THR B 203 1.83 -30.86 31.51
CA THR B 203 1.33 -29.70 32.26
C THR B 203 0.60 -28.78 31.29
N HIS B 204 -0.65 -28.48 31.63
CA HIS B 204 -1.53 -27.67 30.79
C HIS B 204 -2.10 -26.53 31.61
N LYS B 205 -2.77 -25.61 30.91
CA LYS B 205 -3.36 -24.46 31.57
C LYS B 205 -4.57 -24.85 32.43
N THR B 206 -5.36 -25.82 31.96
CA THR B 206 -6.62 -26.14 32.64
C THR B 206 -6.37 -26.66 34.05
N SER B 207 -5.39 -27.52 34.23
CA SER B 207 -5.12 -28.16 35.52
C SER B 207 -3.74 -27.77 36.02
N THR B 208 -3.68 -27.27 37.25
CA THR B 208 -2.38 -26.96 37.85
C THR B 208 -1.56 -28.22 38.07
N SER B 209 -2.19 -29.28 38.55
CA SER B 209 -1.50 -30.55 38.73
C SER B 209 -1.29 -31.22 37.38
N PRO B 210 -0.06 -31.54 37.00
CA PRO B 210 0.17 -32.16 35.69
C PRO B 210 -0.39 -33.58 35.64
N ILE B 211 -0.74 -33.99 34.42
CA ILE B 211 -1.22 -35.35 34.18
C ILE B 211 -0.01 -36.25 33.98
N VAL B 212 0.12 -37.26 34.82
CA VAL B 212 1.27 -38.16 34.79
C VAL B 212 0.83 -39.49 34.17
N LYS B 213 1.69 -40.05 33.32
CA LYS B 213 1.49 -41.39 32.79
C LYS B 213 2.83 -42.11 32.86
N SER B 214 2.89 -43.18 33.65
CA SER B 214 4.15 -43.86 33.93
C SER B 214 4.01 -45.34 33.62
N PHE B 215 5.14 -45.97 33.37
CA PHE B 215 5.17 -47.41 33.16
C PHE B 215 6.51 -47.97 33.65
N ASN B 216 6.50 -49.27 33.92
CA ASN B 216 7.66 -49.97 34.46
C ASN B 216 8.14 -51.00 33.45
N ARG B 217 9.46 -51.12 33.33
CA ARG B 217 10.03 -52.08 32.39
C ARG B 217 9.79 -53.52 32.82
N ASN B 218 9.67 -53.77 34.12
CA ASN B 218 9.53 -55.13 34.62
C ASN B 218 8.19 -55.76 34.24
N GLU B 219 7.20 -54.96 33.87
CA GLU B 219 5.88 -55.48 33.52
C GLU B 219 5.95 -56.28 32.22
N GLU C 9 -5.37 -15.07 -17.34
CA GLU C 9 -4.78 -16.31 -16.86
C GLU C 9 -3.29 -16.15 -16.61
N VAL C 10 -2.93 -15.17 -15.77
CA VAL C 10 -1.53 -15.00 -15.40
C VAL C 10 -1.10 -16.17 -14.53
N LYS C 11 -0.01 -16.83 -14.92
CA LYS C 11 0.45 -18.01 -14.22
C LYS C 11 1.97 -17.93 -14.04
N LEU C 12 2.42 -18.15 -12.81
CA LEU C 12 3.84 -18.31 -12.49
C LEU C 12 4.03 -19.70 -11.92
N GLN C 13 4.67 -20.57 -12.69
CA GLN C 13 4.83 -21.98 -12.34
C GLN C 13 6.21 -22.20 -11.75
N GLU C 14 6.27 -22.83 -10.58
CA GLU C 14 7.50 -23.06 -9.85
C GLU C 14 7.63 -24.54 -9.52
N SER C 15 8.87 -25.03 -9.52
CA SER C 15 9.12 -26.43 -9.20
C SER C 15 8.71 -26.73 -7.76
N GLY C 16 8.21 -27.96 -7.55
CA GLY C 16 7.63 -28.30 -6.26
C GLY C 16 8.64 -28.32 -5.13
N ALA C 17 9.80 -28.94 -5.36
CA ALA C 17 10.79 -29.08 -4.30
C ALA C 17 12.17 -29.31 -4.92
N GLU C 18 13.20 -29.03 -4.12
CA GLU C 18 14.57 -29.19 -4.56
C GLU C 18 15.40 -29.73 -3.39
N LEU C 19 16.35 -30.61 -3.71
CA LEU C 19 17.24 -31.20 -2.72
C LEU C 19 18.68 -30.91 -3.16
N VAL C 20 19.47 -30.32 -2.26
CA VAL C 20 20.82 -29.89 -2.57
C VAL C 20 21.75 -30.29 -1.44
N LYS C 21 22.93 -30.80 -1.80
CA LYS C 21 23.93 -31.16 -0.81
C LYS C 21 24.52 -29.90 -0.19
N PRO C 22 25.01 -29.99 1.06
CA PRO C 22 25.63 -28.81 1.68
C PRO C 22 26.88 -28.36 0.92
N GLY C 23 27.11 -27.06 0.92
CA GLY C 23 28.22 -26.50 0.17
C GLY C 23 28.07 -26.63 -1.33
N ALA C 24 26.87 -26.46 -1.85
CA ALA C 24 26.61 -26.54 -3.28
C ALA C 24 25.66 -25.42 -3.68
N SER C 25 25.35 -25.35 -4.97
CA SER C 25 24.51 -24.29 -5.51
C SER C 25 23.27 -24.89 -6.16
N VAL C 26 22.19 -24.12 -6.18
CA VAL C 26 20.93 -24.51 -6.80
C VAL C 26 20.44 -23.36 -7.68
N LYS C 27 19.61 -23.71 -8.66
CA LYS C 27 19.01 -22.73 -9.56
C LYS C 27 17.51 -22.97 -9.63
N LEU C 28 16.74 -22.05 -9.06
CA LEU C 28 15.29 -22.16 -9.01
C LEU C 28 14.67 -21.43 -10.19
N SER C 29 13.58 -21.98 -10.71
CA SER C 29 12.94 -21.50 -11.93
C SER C 29 11.54 -20.99 -11.65
N CYS C 30 11.10 -20.04 -12.48
CA CYS C 30 9.76 -19.46 -12.41
C CYS C 30 9.31 -19.21 -13.83
N LYS C 31 8.41 -20.06 -14.35
CA LYS C 31 7.95 -19.95 -15.72
C LYS C 31 6.69 -19.08 -15.76
N ALA C 32 6.74 -17.99 -16.52
CA ALA C 32 5.65 -17.03 -16.57
C ALA C 32 4.88 -17.19 -17.88
N SER C 33 3.55 -17.25 -17.77
CA SER C 33 2.69 -17.38 -18.94
C SER C 33 1.40 -16.62 -18.70
N GLY C 34 0.72 -16.29 -19.79
CA GLY C 34 -0.53 -15.58 -19.74
C GLY C 34 -0.44 -14.08 -19.88
N TYR C 35 0.76 -13.53 -20.08
CA TYR C 35 0.94 -12.09 -20.20
C TYR C 35 2.28 -11.84 -20.89
N THR C 36 2.56 -10.57 -21.16
CA THR C 36 3.83 -10.18 -21.77
C THR C 36 4.91 -10.23 -20.70
N PHE C 37 5.88 -11.13 -20.87
CA PHE C 37 6.86 -11.39 -19.82
C PHE C 37 7.73 -10.16 -19.55
N THR C 38 8.12 -9.44 -20.61
CA THR C 38 9.15 -8.42 -20.50
C THR C 38 8.66 -7.09 -19.97
N SER C 39 7.38 -6.98 -19.57
CA SER C 39 6.81 -5.70 -19.18
C SER C 39 6.59 -5.54 -17.69
N TYR C 40 6.83 -6.57 -16.88
CA TYR C 40 6.54 -6.52 -15.45
C TYR C 40 7.75 -7.01 -14.67
N TRP C 41 7.99 -6.38 -13.52
CA TRP C 41 9.07 -6.81 -12.64
C TRP C 41 8.73 -8.15 -11.99
N ILE C 42 9.77 -8.89 -11.61
CA ILE C 42 9.63 -10.16 -10.93
C ILE C 42 10.37 -10.07 -9.60
N ASP C 43 9.69 -10.44 -8.52
CA ASP C 43 10.25 -10.39 -7.18
C ASP C 43 10.51 -11.80 -6.68
N TRP C 44 11.65 -11.97 -6.02
CA TRP C 44 12.00 -13.22 -5.34
C TRP C 44 12.04 -12.96 -3.85
N VAL C 45 11.31 -13.80 -3.10
CA VAL C 45 11.12 -13.65 -1.67
C VAL C 45 11.41 -14.99 -1.00
N LYS C 46 11.81 -14.95 0.27
CA LYS C 46 12.16 -16.16 1.01
C LYS C 46 11.41 -16.22 2.33
N GLN C 47 10.94 -17.41 2.69
CA GLN C 47 10.23 -17.63 3.95
C GLN C 47 10.84 -18.84 4.66
N ARG C 48 11.40 -18.62 5.81
CA ARG C 48 11.86 -19.76 6.58
C ARG C 48 10.73 -20.31 7.44
N PRO C 49 10.75 -21.60 7.78
CA PRO C 49 9.65 -22.17 8.56
C PRO C 49 9.57 -21.55 9.94
N GLY C 50 8.39 -21.03 10.28
CA GLY C 50 8.21 -20.35 11.55
C GLY C 50 8.86 -18.99 11.63
N GLN C 51 9.06 -18.33 10.50
CA GLN C 51 9.74 -17.04 10.46
C GLN C 51 9.09 -16.15 9.41
N GLY C 52 9.38 -14.87 9.48
CA GLY C 52 8.80 -13.91 8.56
C GLY C 52 9.42 -13.97 7.18
N LEU C 53 8.74 -13.32 6.24
CA LEU C 53 9.22 -13.29 4.86
C LEU C 53 10.41 -12.35 4.73
N GLU C 54 11.35 -12.72 3.86
CA GLU C 54 12.51 -11.90 3.55
C GLU C 54 12.56 -11.66 2.05
N TRP C 55 12.71 -10.40 1.66
CA TRP C 55 12.71 -10.02 0.25
C TRP C 55 14.11 -10.24 -0.33
N ILE C 56 14.22 -11.17 -1.27
CA ILE C 56 15.52 -11.50 -1.85
C ILE C 56 15.92 -10.50 -2.92
N GLY C 57 15.04 -10.22 -3.88
CA GLY C 57 15.45 -9.30 -4.92
C GLY C 57 14.39 -9.06 -5.97
N ASN C 58 14.77 -8.27 -6.97
CA ASN C 58 13.92 -7.78 -8.04
C ASN C 58 14.65 -7.88 -9.37
N ILE C 59 13.91 -8.17 -10.44
CA ILE C 59 14.47 -8.15 -11.79
C ILE C 59 13.44 -7.61 -12.76
N TYR C 60 13.91 -6.96 -13.83
CA TYR C 60 13.06 -6.55 -14.94
C TYR C 60 13.44 -7.35 -16.18
N PRO C 61 12.57 -8.21 -16.69
CA PRO C 61 12.94 -9.08 -17.81
C PRO C 61 13.29 -8.34 -19.09
N GLY C 62 12.91 -7.08 -19.21
CA GLY C 62 13.25 -6.30 -20.40
C GLY C 62 14.74 -6.04 -20.53
N ASN C 63 15.29 -5.22 -19.65
CA ASN C 63 16.71 -4.86 -19.69
C ASN C 63 17.56 -5.61 -18.69
N SER C 64 16.98 -6.54 -17.94
CA SER C 64 17.71 -7.33 -16.93
C SER C 64 18.38 -6.42 -15.90
N SER C 65 17.61 -5.47 -15.37
CA SER C 65 18.09 -4.57 -14.33
C SER C 65 17.62 -5.09 -12.98
N THR C 66 18.57 -5.40 -12.10
CA THR C 66 18.30 -6.10 -10.85
C THR C 66 18.37 -5.15 -9.66
N ASN C 67 17.62 -5.50 -8.62
CA ASN C 67 17.71 -4.85 -7.32
C ASN C 67 17.94 -5.94 -6.27
N TYR C 68 19.00 -5.79 -5.48
CA TYR C 68 19.39 -6.81 -4.53
C TYR C 68 19.26 -6.30 -3.10
N ASN C 69 18.80 -7.17 -2.22
CA ASN C 69 18.90 -6.92 -0.79
C ASN C 69 20.35 -7.09 -0.37
N GLU C 70 20.87 -6.13 0.40
CA GLU C 70 22.27 -6.18 0.81
C GLU C 70 22.58 -7.43 1.64
N LYS C 71 21.57 -8.00 2.30
CA LYS C 71 21.77 -9.24 3.03
C LYS C 71 21.99 -10.42 2.09
N PHE C 72 21.35 -10.40 0.91
CA PHE C 72 21.43 -11.48 -0.05
C PHE C 72 22.26 -11.14 -1.28
N LYS C 73 23.11 -10.11 -1.18
CA LYS C 73 23.85 -9.66 -2.35
C LYS C 73 24.81 -10.73 -2.86
N ASN C 74 25.52 -11.40 -1.95
CA ASN C 74 26.52 -12.39 -2.32
C ASN C 74 25.98 -13.81 -2.43
N LYS C 75 24.69 -14.01 -2.17
CA LYS C 75 24.09 -15.34 -2.22
C LYS C 75 23.24 -15.57 -3.46
N ALA C 76 22.32 -14.66 -3.76
CA ALA C 76 21.34 -14.86 -4.83
C ALA C 76 21.71 -14.03 -6.05
N THR C 77 21.63 -14.67 -7.22
CA THR C 77 21.84 -14.01 -8.51
C THR C 77 20.61 -14.24 -9.37
N LEU C 78 19.98 -13.16 -9.82
CA LEU C 78 18.75 -13.25 -10.59
C LEU C 78 19.06 -13.06 -12.08
N THR C 79 18.54 -13.96 -12.90
CA THR C 79 18.68 -13.88 -14.35
C THR C 79 17.35 -14.21 -15.00
N VAL C 80 17.23 -13.91 -16.29
CA VAL C 80 16.01 -14.14 -17.03
C VAL C 80 16.32 -14.80 -18.38
N ASP C 81 15.29 -15.40 -18.96
CA ASP C 81 15.38 -16.01 -20.28
C ASP C 81 14.08 -15.66 -21.00
N THR C 82 14.12 -14.61 -21.83
CA THR C 82 12.91 -14.11 -22.46
C THR C 82 12.44 -15.03 -23.58
N SER C 83 13.35 -15.78 -24.20
CA SER C 83 12.95 -16.69 -25.26
C SER C 83 12.00 -17.77 -24.73
N SER C 84 12.32 -18.33 -23.57
CA SER C 84 11.45 -19.30 -22.92
C SER C 84 10.57 -18.68 -21.85
N SER C 85 10.69 -17.38 -21.61
CA SER C 85 9.91 -16.64 -20.62
C SER C 85 10.01 -17.30 -19.25
N THR C 86 11.25 -17.33 -18.73
CA THR C 86 11.53 -17.93 -17.44
C THR C 86 12.41 -17.00 -16.63
N ALA C 87 12.27 -17.06 -15.31
CA ALA C 87 13.12 -16.30 -14.39
C ALA C 87 13.85 -17.27 -13.48
N TYR C 88 15.18 -17.15 -13.41
CA TYR C 88 16.01 -18.02 -12.60
C TYR C 88 16.60 -17.24 -11.44
N MET C 89 16.68 -17.88 -10.28
CA MET C 89 17.44 -17.37 -9.15
C MET C 89 18.45 -18.44 -8.73
N GLN C 90 19.72 -18.08 -8.73
CA GLN C 90 20.79 -19.01 -8.38
C GLN C 90 21.29 -18.69 -6.99
N LEU C 91 21.28 -19.68 -6.12
CA LEU C 91 21.80 -19.56 -4.76
C LEU C 91 23.06 -20.41 -4.66
N SER C 92 24.16 -19.80 -4.22
CA SER C 92 25.46 -20.45 -4.24
C SER C 92 25.98 -20.66 -2.84
N SER C 93 26.76 -21.73 -2.67
CA SER C 93 27.34 -22.12 -1.39
C SER C 93 26.26 -22.24 -0.31
N LEU C 94 25.33 -23.15 -0.57
CA LEU C 94 24.18 -23.32 0.32
C LEU C 94 24.61 -24.00 1.62
N THR C 95 23.93 -23.64 2.71
CA THR C 95 24.12 -24.24 4.01
C THR C 95 22.74 -24.57 4.60
N SER C 96 22.75 -25.11 5.82
CA SER C 96 21.50 -25.52 6.46
C SER C 96 20.59 -24.33 6.74
N ASP C 97 21.13 -23.11 6.78
CA ASP C 97 20.30 -21.93 6.99
C ASP C 97 19.39 -21.70 5.79
N ASP C 98 19.86 -22.03 4.59
CA ASP C 98 19.16 -21.70 3.35
C ASP C 98 17.91 -22.56 3.12
N SER C 99 17.66 -23.57 3.95
CA SER C 99 16.46 -24.38 3.82
C SER C 99 15.23 -23.53 4.13
N ALA C 100 14.47 -23.20 3.10
CA ALA C 100 13.31 -22.33 3.23
C ALA C 100 12.40 -22.55 2.03
N VAL C 101 11.37 -21.72 1.91
CA VAL C 101 10.44 -21.75 0.78
C VAL C 101 10.59 -20.45 0.02
N TYR C 102 10.86 -20.55 -1.27
CA TYR C 102 11.16 -19.39 -2.10
C TYR C 102 9.99 -19.10 -3.02
N TYR C 103 9.51 -17.85 -2.99
CA TYR C 103 8.35 -17.42 -3.74
C TYR C 103 8.75 -16.47 -4.86
N CYS C 104 8.03 -16.56 -5.96
CA CYS C 104 8.24 -15.74 -7.16
C CYS C 104 6.95 -15.00 -7.44
N ALA C 105 7.01 -13.66 -7.44
CA ALA C 105 5.82 -12.84 -7.55
C ALA C 105 5.99 -11.83 -8.69
N ARG C 106 4.88 -11.27 -9.14
CA ARG C 106 4.87 -10.30 -10.24
C ARG C 106 4.28 -8.99 -9.75
N GLU C 107 4.95 -7.88 -10.11
CA GLU C 107 4.48 -6.56 -9.75
C GLU C 107 3.47 -6.05 -10.76
N ASP C 108 2.41 -5.41 -10.27
CA ASP C 108 1.37 -4.88 -11.12
C ASP C 108 1.31 -3.36 -11.00
N TYR C 109 0.92 -2.71 -12.09
CA TYR C 109 0.79 -1.26 -12.16
C TYR C 109 -0.65 -0.86 -11.86
N TYR C 110 -0.81 0.35 -11.34
CA TYR C 110 -2.13 0.94 -11.26
C TYR C 110 -2.68 1.15 -12.67
N ASP C 111 -4.00 1.18 -12.79
CA ASP C 111 -4.61 1.32 -14.10
C ASP C 111 -4.23 2.64 -14.75
N GLY C 112 -3.95 2.59 -16.06
CA GLY C 112 -3.56 3.76 -16.82
C GLY C 112 -2.18 4.30 -16.54
N THR C 113 -1.52 3.88 -15.47
CA THR C 113 -0.23 4.42 -15.07
C THR C 113 0.82 3.30 -15.00
N TYR C 114 2.01 3.66 -14.55
CA TYR C 114 3.11 2.71 -14.35
C TYR C 114 3.53 2.61 -12.89
N VAL C 115 2.79 3.23 -11.97
CA VAL C 115 3.15 3.18 -10.56
C VAL C 115 2.73 1.84 -9.98
N TYR C 116 3.54 1.33 -9.05
CA TYR C 116 3.31 0.01 -8.45
C TYR C 116 2.38 0.14 -7.26
N TYR C 117 1.44 -0.80 -7.14
CA TYR C 117 0.50 -0.76 -6.04
C TYR C 117 0.42 -2.08 -5.28
N ALA C 118 0.60 -3.22 -5.97
CA ALA C 118 0.55 -4.50 -5.30
C ALA C 118 1.22 -5.56 -6.16
N MET C 119 1.55 -6.70 -5.52
CA MET C 119 2.07 -7.88 -6.19
C MET C 119 0.90 -8.85 -6.34
N ASP C 120 0.22 -8.79 -7.49
CA ASP C 120 -1.06 -9.48 -7.63
C ASP C 120 -0.88 -11.00 -7.65
N PHE C 121 0.05 -11.49 -8.46
CA PHE C 121 0.18 -12.92 -8.72
C PHE C 121 1.46 -13.45 -8.11
N TRP C 122 1.33 -14.45 -7.24
CA TRP C 122 2.46 -15.13 -6.62
C TRP C 122 2.51 -16.57 -7.10
N GLY C 123 3.70 -17.04 -7.46
CA GLY C 123 3.89 -18.44 -7.73
C GLY C 123 3.97 -19.25 -6.45
N GLN C 124 3.64 -20.54 -6.56
CA GLN C 124 3.77 -21.41 -5.40
C GLN C 124 5.24 -21.59 -5.03
N GLY C 125 5.48 -21.94 -3.79
CA GLY C 125 6.84 -21.99 -3.29
C GLY C 125 7.63 -23.17 -3.82
N THR C 126 8.94 -23.13 -3.55
CA THR C 126 9.86 -24.21 -3.86
C THR C 126 10.58 -24.56 -2.57
N SER C 127 10.31 -25.74 -2.03
CA SER C 127 10.87 -26.16 -0.75
C SER C 127 12.28 -26.67 -0.98
N VAL C 128 13.27 -25.84 -0.69
CA VAL C 128 14.68 -26.22 -0.79
C VAL C 128 15.12 -26.79 0.54
N THR C 129 15.71 -27.99 0.51
CA THR C 129 16.23 -28.63 1.71
C THR C 129 17.68 -28.99 1.48
N VAL C 130 18.52 -28.70 2.48
CA VAL C 130 19.96 -28.93 2.40
C VAL C 130 20.30 -30.05 3.36
N SER C 131 20.65 -31.22 2.82
CA SER C 131 20.96 -32.38 3.63
C SER C 131 21.81 -33.36 2.83
N SER C 132 22.40 -34.31 3.54
CA SER C 132 23.31 -35.29 2.93
C SER C 132 23.02 -36.69 3.46
N ALA C 133 21.75 -37.09 3.44
CA ALA C 133 21.35 -38.33 4.10
C ALA C 133 21.29 -39.54 3.17
N LYS C 134 21.21 -39.33 1.86
CA LYS C 134 21.27 -40.41 0.86
C LYS C 134 20.13 -41.42 1.09
N THR C 135 18.93 -40.91 0.84
CA THR C 135 17.74 -41.69 0.49
C THR C 135 17.61 -42.99 1.28
N THR C 136 17.46 -42.85 2.60
CA THR C 136 17.28 -44.01 3.46
C THR C 136 15.82 -44.42 3.53
N ALA C 137 15.60 -45.74 3.58
CA ALA C 137 14.26 -46.31 3.62
C ALA C 137 13.71 -46.28 5.05
N PRO C 138 12.41 -46.08 5.22
CA PRO C 138 11.85 -45.95 6.58
C PRO C 138 11.82 -47.28 7.31
N SER C 139 11.86 -47.20 8.63
CA SER C 139 11.67 -48.34 9.51
C SER C 139 10.42 -48.10 10.33
N VAL C 140 9.52 -49.09 10.35
CA VAL C 140 8.19 -48.93 10.93
C VAL C 140 8.02 -49.92 12.06
N TYR C 141 7.63 -49.41 13.24
CA TYR C 141 7.39 -50.22 14.42
C TYR C 141 5.99 -49.96 14.95
N PRO C 142 5.27 -51.00 15.38
CA PRO C 142 3.93 -50.80 15.94
C PRO C 142 3.95 -50.59 17.44
N LEU C 143 3.15 -49.62 17.88
CA LEU C 143 3.02 -49.28 19.29
C LEU C 143 1.70 -49.81 19.81
N ALA C 144 1.76 -50.59 20.89
CA ALA C 144 0.60 -51.21 21.50
C ALA C 144 0.45 -50.72 22.93
N PRO C 145 -0.75 -50.78 23.50
CA PRO C 145 -0.95 -50.29 24.87
C PRO C 145 -0.15 -51.11 25.87
N VAL C 146 0.21 -50.46 26.98
CA VAL C 146 1.00 -51.11 28.01
C VAL C 146 0.27 -52.34 28.53
N CYS C 147 1.05 -53.32 28.98
CA CYS C 147 0.47 -54.56 29.52
C CYS C 147 -0.45 -54.24 30.68
N GLY C 148 -1.62 -54.89 30.67
CA GLY C 148 -2.64 -54.54 31.65
C GLY C 148 -3.21 -53.15 31.36
N ASP C 149 -3.62 -52.47 32.43
CA ASP C 149 -4.15 -51.11 32.34
C ASP C 149 -5.31 -51.04 31.34
N THR C 150 -6.29 -51.90 31.54
CA THR C 150 -7.45 -51.97 30.65
C THR C 150 -8.28 -50.69 30.80
N SER C 151 -8.27 -49.85 29.77
CA SER C 151 -9.03 -48.61 29.77
C SER C 151 -10.43 -48.91 29.21
N GLY C 152 -11.44 -48.78 30.07
CA GLY C 152 -12.79 -49.13 29.66
C GLY C 152 -13.34 -48.20 28.59
N SER C 153 -13.04 -46.91 28.70
CA SER C 153 -13.65 -45.92 27.80
C SER C 153 -13.18 -46.13 26.37
N SER C 154 -11.87 -46.20 26.15
CA SER C 154 -11.32 -46.32 24.81
C SER C 154 -9.85 -46.70 24.91
N VAL C 155 -9.29 -47.14 23.79
CA VAL C 155 -7.88 -47.48 23.69
C VAL C 155 -7.28 -46.68 22.54
N THR C 156 -5.98 -46.41 22.63
CA THR C 156 -5.25 -45.65 21.62
C THR C 156 -4.11 -46.51 21.10
N LEU C 157 -3.98 -46.55 19.77
CA LEU C 157 -2.92 -47.29 19.09
C LEU C 157 -2.06 -46.32 18.30
N GLY C 158 -0.93 -46.81 17.82
CA GLY C 158 -0.05 -45.99 17.00
C GLY C 158 1.03 -46.81 16.36
N CYS C 159 1.58 -46.26 15.27
CA CYS C 159 2.73 -46.84 14.59
C CYS C 159 3.78 -45.76 14.40
N LEU C 160 5.04 -46.11 14.65
CA LEU C 160 6.15 -45.17 14.61
C LEU C 160 6.99 -45.42 13.37
N VAL C 161 7.31 -44.35 12.65
CA VAL C 161 8.14 -44.41 11.44
C VAL C 161 9.42 -43.65 11.73
N LYS C 162 10.56 -44.33 11.59
CA LYS C 162 11.86 -43.78 11.95
C LYS C 162 12.86 -43.97 10.82
N GLY C 163 13.64 -42.92 10.55
CA GLY C 163 14.77 -43.03 9.66
C GLY C 163 14.45 -43.13 8.19
N TYR C 164 13.83 -42.09 7.63
CA TYR C 164 13.62 -41.98 6.19
C TYR C 164 13.99 -40.57 5.77
N PHE C 165 14.84 -40.45 4.76
CA PHE C 165 15.30 -39.12 4.38
C PHE C 165 14.28 -38.36 3.52
N PRO C 166 13.81 -38.89 2.39
CA PRO C 166 12.88 -38.11 1.57
C PRO C 166 11.61 -37.77 2.35
N GLU C 167 11.23 -36.50 2.30
CA GLU C 167 10.14 -36.01 3.15
C GLU C 167 8.81 -36.70 2.88
N PRO C 168 8.32 -36.83 1.64
CA PRO C 168 6.96 -37.34 1.44
C PRO C 168 6.85 -38.82 1.83
N VAL C 169 6.05 -39.08 2.86
CA VAL C 169 5.66 -40.44 3.24
C VAL C 169 4.18 -40.42 3.57
N THR C 170 3.49 -41.49 3.21
CA THR C 170 2.04 -41.58 3.38
C THR C 170 1.71 -42.68 4.38
N LEU C 171 0.94 -42.33 5.40
CA LEU C 171 0.52 -43.26 6.43
C LEU C 171 -1.01 -43.31 6.46
N THR C 172 -1.55 -44.51 6.28
CA THR C 172 -2.99 -44.71 6.31
C THR C 172 -3.31 -45.94 7.18
N TRP C 173 -4.47 -45.89 7.80
CA TRP C 173 -4.90 -46.95 8.72
C TRP C 173 -5.94 -47.83 8.03
N ASN C 174 -5.68 -49.14 8.02
CA ASN C 174 -6.59 -50.12 7.44
C ASN C 174 -6.89 -49.79 5.98
N SER C 175 -5.87 -49.36 5.25
CA SER C 175 -5.99 -49.00 3.83
C SER C 175 -7.05 -47.93 3.61
N GLY C 176 -7.09 -46.94 4.51
CA GLY C 176 -8.03 -45.85 4.41
C GLY C 176 -9.38 -46.11 5.05
N SER C 177 -9.60 -47.29 5.61
CA SER C 177 -10.89 -47.58 6.26
C SER C 177 -11.11 -46.69 7.48
N LEU C 178 -10.07 -46.47 8.27
CA LEU C 178 -10.16 -45.68 9.48
C LEU C 178 -9.75 -44.24 9.18
N SER C 179 -10.66 -43.30 9.43
CA SER C 179 -10.36 -41.89 9.24
C SER C 179 -10.93 -41.01 10.34
N SER C 180 -11.56 -41.58 11.36
CA SER C 180 -12.13 -40.83 12.48
C SER C 180 -11.30 -41.09 13.72
N GLY C 181 -10.84 -40.01 14.36
CA GLY C 181 -9.98 -40.14 15.51
C GLY C 181 -8.56 -40.54 15.19
N VAL C 182 -8.09 -40.24 13.98
CA VAL C 182 -6.74 -40.58 13.54
C VAL C 182 -5.95 -39.28 13.41
N HIS C 183 -4.84 -39.19 14.14
CA HIS C 183 -3.97 -38.02 14.12
C HIS C 183 -2.62 -38.42 13.54
N THR C 184 -2.17 -37.67 12.53
CA THR C 184 -0.86 -37.87 11.93
C THR C 184 -0.05 -36.60 12.11
N PHE C 185 1.14 -36.72 12.70
CA PHE C 185 1.94 -35.59 13.10
C PHE C 185 3.01 -35.27 12.05
N PRO C 186 3.37 -34.01 11.91
CA PRO C 186 4.37 -33.63 10.90
C PRO C 186 5.73 -34.24 11.20
N ALA C 187 6.49 -34.49 10.13
CA ALA C 187 7.82 -35.08 10.27
C ALA C 187 8.81 -34.05 10.80
N VAL C 188 9.77 -34.53 11.60
CA VAL C 188 10.76 -33.69 12.24
C VAL C 188 12.15 -34.26 11.96
N LEU C 189 13.06 -33.40 11.54
CA LEU C 189 14.44 -33.79 11.29
C LEU C 189 15.22 -33.85 12.60
N GLN C 190 15.90 -34.97 12.83
CA GLN C 190 16.68 -35.15 14.05
C GLN C 190 18.18 -35.27 13.76
N SER C 191 18.59 -36.23 12.94
CA SER C 191 20.00 -36.48 12.64
C SER C 191 20.17 -36.68 11.14
N ASP C 192 19.62 -35.76 10.37
CA ASP C 192 19.50 -35.79 8.91
C ASP C 192 18.49 -36.83 8.43
N LEU C 193 17.77 -37.49 9.34
CA LEU C 193 16.73 -38.44 8.98
C LEU C 193 15.43 -38.02 9.65
N TYR C 194 14.32 -38.22 8.97
CA TYR C 194 13.03 -37.76 9.46
C TYR C 194 12.41 -38.78 10.41
N THR C 195 11.42 -38.32 11.16
CA THR C 195 10.65 -39.17 12.07
C THR C 195 9.19 -38.74 12.02
N LEU C 196 8.30 -39.71 11.98
CA LEU C 196 6.86 -39.44 11.90
C LEU C 196 6.11 -40.52 12.65
N SER C 197 5.06 -40.12 13.35
CA SER C 197 4.22 -41.04 14.11
C SER C 197 2.77 -40.63 13.97
N SER C 198 1.87 -41.61 14.14
CA SER C 198 0.44 -41.37 14.04
C SER C 198 -0.27 -42.21 15.10
N SER C 199 -1.47 -41.76 15.48
CA SER C 199 -2.26 -42.43 16.49
C SER C 199 -3.71 -42.58 16.02
N VAL C 200 -4.33 -43.68 16.44
CA VAL C 200 -5.73 -43.96 16.12
C VAL C 200 -6.46 -44.29 17.42
N THR C 201 -7.60 -43.64 17.64
CA THR C 201 -8.41 -43.85 18.83
C THR C 201 -9.65 -44.65 18.44
N VAL C 202 -9.85 -45.80 19.07
CA VAL C 202 -10.97 -46.68 18.78
C VAL C 202 -11.64 -47.06 20.10
N THR C 203 -12.79 -47.72 19.98
CA THR C 203 -13.52 -48.18 21.15
C THR C 203 -12.77 -49.34 21.81
N SER C 204 -13.17 -49.64 23.05
CA SER C 204 -12.45 -50.65 23.83
C SER C 204 -12.56 -52.03 23.18
N SER C 205 -13.74 -52.39 22.68
CA SER C 205 -13.96 -53.71 22.12
C SER C 205 -13.61 -53.81 20.64
N THR C 206 -13.34 -52.69 19.97
CA THR C 206 -13.07 -52.74 18.53
C THR C 206 -11.71 -53.37 18.24
N TRP C 207 -10.66 -52.92 18.93
CA TRP C 207 -9.32 -53.37 18.59
C TRP C 207 -9.11 -54.86 18.84
N PRO C 208 -9.43 -55.43 20.00
CA PRO C 208 -9.21 -56.88 20.17
C PRO C 208 -10.00 -57.72 19.20
N SER C 209 -11.21 -57.30 18.83
CA SER C 209 -12.03 -58.09 17.91
C SER C 209 -11.53 -57.98 16.47
N GLN C 210 -11.17 -56.78 16.03
CA GLN C 210 -10.80 -56.53 14.64
C GLN C 210 -9.34 -56.08 14.57
N SER C 211 -8.55 -56.78 13.75
CA SER C 211 -7.15 -56.42 13.59
C SER C 211 -7.00 -55.09 12.89
N ILE C 212 -6.05 -54.28 13.35
CA ILE C 212 -5.77 -52.97 12.79
C ILE C 212 -4.33 -52.95 12.30
N THR C 213 -4.13 -52.54 11.06
CA THR C 213 -2.82 -52.51 10.43
C THR C 213 -2.47 -51.10 10.00
N CYS C 214 -1.22 -50.70 10.25
CA CYS C 214 -0.71 -49.39 9.87
C CYS C 214 -0.05 -49.52 8.50
N ASN C 215 -0.63 -48.87 7.49
CA ASN C 215 -0.14 -48.94 6.13
C ASN C 215 0.68 -47.70 5.82
N VAL C 216 1.92 -47.90 5.37
CA VAL C 216 2.86 -46.81 5.12
C VAL C 216 3.58 -47.09 3.81
N ALA C 217 3.71 -46.08 2.96
CA ALA C 217 4.34 -46.22 1.66
C ALA C 217 5.33 -45.08 1.43
N HIS C 218 6.51 -45.44 0.92
CA HIS C 218 7.54 -44.45 0.60
C HIS C 218 7.70 -44.35 -0.90
N PRO C 219 7.34 -43.23 -1.52
CA PRO C 219 7.45 -43.12 -2.99
C PRO C 219 8.89 -43.07 -3.49
N ALA C 220 9.73 -42.24 -2.86
CA ALA C 220 11.08 -42.03 -3.38
C ALA C 220 11.90 -43.31 -3.37
N SER C 221 11.85 -44.06 -2.27
CA SER C 221 12.46 -45.37 -2.18
C SER C 221 11.33 -46.39 -2.09
N SER C 222 11.15 -47.19 -3.15
CA SER C 222 9.96 -48.01 -3.29
C SER C 222 9.88 -49.06 -2.19
N THR C 223 9.01 -48.82 -1.21
CA THR C 223 8.77 -49.75 -0.12
C THR C 223 7.29 -49.67 0.26
N LYS C 224 6.74 -50.82 0.66
CA LYS C 224 5.36 -50.89 1.15
C LYS C 224 5.34 -51.86 2.31
N VAL C 225 5.25 -51.34 3.54
CA VAL C 225 5.31 -52.14 4.74
C VAL C 225 3.98 -52.05 5.47
N ASP C 226 3.41 -53.21 5.82
CA ASP C 226 2.19 -53.30 6.60
C ASP C 226 2.49 -54.00 7.91
N LYS C 227 2.12 -53.38 9.03
CA LYS C 227 2.36 -53.92 10.35
C LYS C 227 1.05 -54.02 11.10
N LYS C 228 0.80 -55.18 11.70
CA LYS C 228 -0.43 -55.45 12.45
C LYS C 228 -0.14 -55.30 13.94
N ILE C 229 -0.86 -54.40 14.60
CA ILE C 229 -0.65 -54.18 16.03
C ILE C 229 -1.23 -55.35 16.80
N GLU C 230 -0.43 -55.89 17.72
CA GLU C 230 -0.85 -57.02 18.53
C GLU C 230 -0.64 -56.70 20.01
N PRO C 231 -1.46 -57.26 20.89
CA PRO C 231 -1.28 -57.03 22.32
C PRO C 231 0.06 -57.56 22.80
N ARG C 232 0.65 -56.85 23.76
CA ARG C 232 1.96 -57.22 24.28
C ARG C 232 1.87 -58.46 25.17
#